data_4KX9
#
_entry.id   4KX9
#
_cell.length_a   142.272
_cell.length_b   142.272
_cell.length_c   237.233
_cell.angle_alpha   90.00
_cell.angle_beta   90.00
_cell.angle_gamma   120.00
#
_symmetry.space_group_name_H-M   'P 64 2 2'
#
loop_
_entity.id
_entity.type
_entity.pdbx_description
1 polymer 'Glutamyl aminopeptidase'
2 branched 2-acetamido-2-deoxy-beta-D-glucopyranose-(1-4)-2-acetamido-2-deoxy-beta-D-glucopyranose
3 branched 2-acetamido-2-deoxy-beta-D-glucopyranose-(1-4)-2-acetamido-2-deoxy-beta-D-glucopyranose-(1-4)-2-acetamido-2-deoxy-beta-D-glucopyranose
4 non-polymer 'ZINC ION'
5 non-polymer 2-acetamido-2-deoxy-beta-D-glucopyranose
6 non-polymer ARGININE
7 water water
#
_entity_poly.entity_id   1
_entity_poly.type   'polypeptide(L)'
_entity_poly.pdbx_seq_one_letter_code
;DICPASEDESGQWKNFRLPDFVNPVHYDLHVKPLLEEDTYTGTVSISINLSAPTRYLWLHLRETRITRLPELKRPSGDQV
QVRRCFEYKKQEYVVVEAEEELTPSSGDGLYLLTMEFAGWLNGSLVGFYRTTYTENGRVKSIAATDHEPTDARKSFPCFD
EPNKKATYTISITHPKEYGALSNMPVAKEESVDDKWTRTTFEKSVPMSTYLVCFAVHQFDSVKRISNSGKPLTIYVQPEQ
KHTAEYAANITKSVFDYFEEYFAMNYSLPKLDKIAIPDFGTGAMENWGLITYRETNLLYDPKESASSNQQRVATVVAHEL
VHQWFGNIVTMDWWEDLWLNEGFASFFEFLGVNHAETDWQMRDQMLLEDVLPVQEDDSLMSSHPIIVTVTTPDEITSVFD
GISYSKGSSILRMLEDWIKPENFQKGCQMYLEKYQFKNAKTSDFWAALEEASRLPVKEVMDTWTRQMGYPVLNVNGVKNI
TQKRFLLDPRANPSQPPSDLGYTWNIPVKWTEDNITSSVLFNRSEKEGITLNSSNPSGNAFLKINPDHIGFYRVNYEVAT
WDSIATALSLNHKTFSSADRASLIDDAFALARAQLLDYKVALNLTKYLKREENFLPWQRVISAVTYIISMFEDDKELYPM
IEEYFQGQVKPIADSLGWNDAGDHVTKLLRSSVLGFACKMGDREALNNASSLFEQWLNGTVSLPVNLRLLVYRYGMQNSG
NEISWNYTLEQYQKTSLAQEKEKLLYGLASVKNVTLLSRYLDLLKDTNLIKTQDVFTVIRYISYNSYGKNMAWNWIQLNW
DYLVNRYTLNNRNLGRIVTIAEPFNTELQLWQMESFFAKYPQAGAGEKPREQVLETVKNNIEWLKQHRNTIREWFFNLLE
SGHHHHHH
;
_entity_poly.pdbx_strand_id   A
#
loop_
_chem_comp.id
_chem_comp.type
_chem_comp.name
_chem_comp.formula
NAG D-saccharide, beta linking 2-acetamido-2-deoxy-beta-D-glucopyranose 'C8 H15 N O6'
ZN non-polymer 'ZINC ION' 'Zn 2'
#
# COMPACT_ATOMS: atom_id res chain seq x y z
N ASP A 1 -24.53 6.79 27.82
CA ASP A 1 -25.56 7.24 28.79
C ASP A 1 -26.83 6.38 28.72
N ILE A 2 -27.32 6.13 27.50
CA ILE A 2 -28.49 5.28 27.29
C ILE A 2 -28.11 3.79 27.15
N CYS A 3 -26.94 3.52 26.55
CA CYS A 3 -26.25 2.25 26.73
C CYS A 3 -24.94 2.59 27.41
N PRO A 4 -24.95 2.75 28.75
CA PRO A 4 -23.71 3.17 29.38
C PRO A 4 -22.63 2.09 29.31
N ALA A 5 -21.37 2.52 29.38
CA ALA A 5 -20.24 1.61 29.43
C ALA A 5 -20.33 0.76 30.69
N SER A 6 -20.06 -0.53 30.55
CA SER A 6 -19.97 -1.42 31.71
C SER A 6 -18.74 -2.29 31.58
N GLU A 7 -18.12 -2.59 32.71
CA GLU A 7 -16.94 -3.44 32.73
C GLU A 7 -17.29 -4.89 33.06
N ASP A 8 -18.53 -5.28 32.77
CA ASP A 8 -18.99 -6.65 32.97
C ASP A 8 -18.38 -7.58 31.91
N GLU A 9 -17.49 -8.47 32.36
CA GLU A 9 -16.77 -9.39 31.49
C GLU A 9 -17.44 -10.77 31.38
N SER A 10 -18.39 -11.05 32.26
CA SER A 10 -18.99 -12.38 32.37
C SER A 10 -20.01 -12.70 31.26
N GLY A 11 -19.56 -12.64 30.02
CA GLY A 11 -20.38 -13.00 28.87
C GLY A 11 -19.53 -13.28 27.65
N GLN A 12 -20.16 -13.72 26.57
CA GLN A 12 -19.44 -14.06 25.33
C GLN A 12 -18.90 -12.82 24.61
N TRP A 13 -19.45 -11.66 24.94
CA TRP A 13 -18.97 -10.39 24.40
C TRP A 13 -17.56 -10.02 24.89
N LYS A 14 -17.01 -10.80 25.83
CA LYS A 14 -15.62 -10.61 26.25
C LYS A 14 -14.66 -11.07 25.16
N ASN A 15 -15.14 -11.98 24.31
CA ASN A 15 -14.36 -12.49 23.19
C ASN A 15 -14.18 -11.44 22.12
N PHE A 16 -12.96 -11.38 21.59
CA PHE A 16 -12.58 -10.46 20.53
C PHE A 16 -13.36 -10.75 19.25
N ARG A 17 -13.55 -12.02 18.94
CA ARG A 17 -14.29 -12.43 17.75
C ARG A 17 -15.78 -12.46 18.05
N LEU A 18 -16.59 -12.13 17.04
CA LEU A 18 -18.03 -12.29 17.13
C LEU A 18 -18.35 -13.77 17.24
N PRO A 19 -19.51 -14.12 17.82
CA PRO A 19 -19.95 -15.51 17.89
C PRO A 19 -20.33 -16.09 16.53
N ASP A 20 -20.23 -17.40 16.41
CA ASP A 20 -20.49 -18.15 15.20
C ASP A 20 -21.98 -18.25 14.83
N PHE A 21 -22.82 -18.24 15.86
CA PHE A 21 -24.24 -18.57 15.70
C PHE A 21 -25.16 -17.41 15.30
N VAL A 22 -24.57 -16.21 15.24
CA VAL A 22 -25.32 -15.03 14.83
C VAL A 22 -24.82 -14.58 13.47
N ASN A 23 -25.69 -14.60 12.48
CA ASN A 23 -25.34 -14.08 11.17
C ASN A 23 -26.40 -13.12 10.67
N PRO A 24 -25.96 -11.99 10.09
CA PRO A 24 -26.94 -11.08 9.53
C PRO A 24 -27.34 -11.56 8.14
N VAL A 25 -28.49 -11.12 7.66
CA VAL A 25 -28.89 -11.46 6.30
C VAL A 25 -29.04 -10.15 5.55
N HIS A 26 -29.72 -9.19 6.19
CA HIS A 26 -30.04 -7.93 5.53
C HIS A 26 -29.96 -6.72 6.45
N TYR A 27 -29.38 -5.64 5.92
CA TYR A 27 -29.31 -4.34 6.60
C TYR A 27 -30.24 -3.32 5.94
N ASP A 28 -31.15 -2.77 6.73
CA ASP A 28 -31.93 -1.60 6.35
C ASP A 28 -31.26 -0.39 6.98
N LEU A 29 -30.47 0.35 6.20
CA LEU A 29 -29.69 1.48 6.72
C LEU A 29 -30.12 2.86 6.22
N HIS A 30 -30.42 3.75 7.16
CA HIS A 30 -30.78 5.14 6.85
C HIS A 30 -29.98 6.16 7.65
N VAL A 31 -29.33 7.09 6.95
CA VAL A 31 -28.53 8.14 7.59
C VAL A 31 -28.96 9.53 7.12
N LYS A 32 -28.94 10.47 8.05
CA LYS A 32 -29.28 11.85 7.74
C LYS A 32 -28.16 12.74 8.27
N PRO A 33 -27.31 13.26 7.38
CA PRO A 33 -26.26 14.17 7.86
C PRO A 33 -26.78 15.59 8.03
N LEU A 34 -26.33 16.25 9.10
CA LEU A 34 -26.46 17.69 9.22
C LEU A 34 -25.11 18.31 8.82
N LEU A 35 -24.88 18.45 7.51
CA LEU A 35 -23.56 18.79 6.99
C LEU A 35 -22.92 19.99 7.69
N GLU A 36 -23.66 21.09 7.79
CA GLU A 36 -23.11 22.32 8.37
C GLU A 36 -22.84 22.20 9.87
N GLU A 37 -23.42 21.18 10.50
CA GLU A 37 -23.29 20.95 11.94
C GLU A 37 -22.24 19.90 12.28
N ASP A 38 -21.79 19.17 11.27
CA ASP A 38 -20.82 18.06 11.42
C ASP A 38 -21.38 16.95 12.30
N THR A 39 -22.67 16.68 12.14
CA THR A 39 -23.34 15.58 12.84
C THR A 39 -24.15 14.78 11.84
N TYR A 40 -24.47 13.55 12.21
CA TYR A 40 -25.47 12.78 11.50
C TYR A 40 -26.22 11.94 12.50
N THR A 41 -27.42 11.51 12.10
CA THR A 41 -28.19 10.53 12.83
C THR A 41 -28.53 9.42 11.85
N GLY A 42 -29.00 8.30 12.38
CA GLY A 42 -29.42 7.18 11.54
C GLY A 42 -30.18 6.12 12.31
N THR A 43 -30.88 5.28 11.57
CA THR A 43 -31.47 4.09 12.14
C THR A 43 -31.09 2.92 11.26
N VAL A 44 -30.79 1.80 11.89
CA VAL A 44 -30.49 0.58 11.17
C VAL A 44 -31.33 -0.57 11.71
N SER A 45 -31.92 -1.34 10.79
CA SER A 45 -32.62 -2.56 11.12
C SER A 45 -31.91 -3.73 10.46
N ILE A 46 -31.53 -4.72 11.26
CA ILE A 46 -30.76 -5.86 10.77
C ILE A 46 -31.51 -7.18 10.97
N SER A 47 -31.72 -7.92 9.88
CA SER A 47 -32.30 -9.26 9.96
C SER A 47 -31.23 -10.27 10.39
N ILE A 48 -31.55 -11.06 11.41
CA ILE A 48 -30.56 -11.86 12.11
C ILE A 48 -30.94 -13.33 12.13
N ASN A 49 -30.01 -14.18 11.68
CA ASN A 49 -30.12 -15.62 11.82
C ASN A 49 -29.44 -16.08 13.12
N LEU A 50 -30.26 -16.55 14.05
CA LEU A 50 -29.77 -17.01 15.36
C LEU A 50 -29.69 -18.55 15.36
N SER A 51 -28.62 -19.09 15.94
CA SER A 51 -28.40 -20.55 15.92
C SER A 51 -28.28 -21.18 17.31
N ALA A 52 -28.27 -20.37 18.36
CA ALA A 52 -28.06 -20.88 19.72
C ALA A 52 -28.77 -20.03 20.77
N PRO A 53 -29.32 -20.67 21.82
CA PRO A 53 -29.89 -19.92 22.93
C PRO A 53 -28.94 -18.85 23.48
N THR A 54 -29.42 -17.62 23.50
CA THR A 54 -28.67 -16.50 24.06
C THR A 54 -29.62 -15.49 24.67
N ARG A 55 -29.19 -14.90 25.79
CA ARG A 55 -29.93 -13.80 26.39
C ARG A 55 -29.32 -12.45 26.02
N TYR A 56 -28.28 -12.47 25.18
CA TYR A 56 -27.60 -11.25 24.74
C TYR A 56 -27.36 -11.21 23.24
N LEU A 57 -27.52 -10.04 22.63
CA LEU A 57 -27.13 -9.81 21.24
C LEU A 57 -26.16 -8.64 21.16
N TRP A 58 -25.00 -8.88 20.55
CA TRP A 58 -23.96 -7.85 20.48
C TRP A 58 -23.32 -7.71 19.10
N LEU A 59 -22.90 -6.48 18.80
CA LEU A 59 -22.28 -6.15 17.54
C LEU A 59 -21.38 -4.92 17.71
N HIS A 60 -20.62 -4.59 16.66
CA HIS A 60 -19.59 -3.56 16.78
C HIS A 60 -20.14 -2.15 16.67
N LEU A 61 -19.56 -1.27 17.48
CA LEU A 61 -19.88 0.16 17.48
C LEU A 61 -18.70 0.88 18.12
N ARG A 62 -18.17 1.90 17.45
CA ARG A 62 -17.15 2.75 18.07
C ARG A 62 -17.48 4.22 17.88
N GLU A 63 -17.43 4.97 18.99
CA GLU A 63 -17.55 6.44 19.02
C GLU A 63 -18.96 6.98 18.80
N THR A 64 -19.55 6.60 17.66
CA THR A 64 -20.96 6.82 17.39
C THR A 64 -21.78 6.19 18.54
N ARG A 65 -22.81 6.91 19.00
CA ARG A 65 -23.61 6.49 20.15
C ARG A 65 -25.00 6.01 19.77
N ILE A 66 -25.53 5.10 20.58
CA ILE A 66 -26.94 4.69 20.50
C ILE A 66 -27.80 5.76 21.20
N THR A 67 -28.83 6.19 20.48
CA THR A 67 -29.69 7.33 20.81
C THR A 67 -30.90 7.01 21.70
N ARG A 68 -31.47 5.82 21.51
CA ARG A 68 -32.49 5.33 22.42
C ARG A 68 -32.24 3.88 22.81
N LEU A 69 -33.30 3.18 23.18
CA LEU A 69 -33.17 1.78 23.51
C LEU A 69 -33.50 0.93 22.30
N PRO A 70 -32.62 -0.02 21.98
CA PRO A 70 -32.82 -0.86 20.80
C PRO A 70 -34.08 -1.70 20.93
N GLU A 71 -34.65 -2.07 19.79
CA GLU A 71 -35.85 -2.89 19.79
C GLU A 71 -35.70 -4.11 18.88
N LEU A 72 -36.14 -5.26 19.41
CA LEU A 72 -35.94 -6.55 18.76
C LEU A 72 -37.27 -7.25 18.43
N LYS A 73 -37.25 -8.00 17.34
CA LYS A 73 -38.42 -8.64 16.75
C LYS A 73 -38.19 -10.15 16.65
N ARG A 74 -39.14 -10.95 17.11
CA ARG A 74 -39.08 -12.40 16.87
C ARG A 74 -39.37 -12.70 15.39
N PRO A 75 -38.86 -13.83 14.86
CA PRO A 75 -39.17 -14.24 13.48
C PRO A 75 -40.67 -14.35 13.21
N SER A 76 -41.47 -14.52 14.26
CA SER A 76 -42.92 -14.48 14.15
C SER A 76 -43.44 -13.06 13.94
N GLY A 77 -42.68 -12.08 14.44
CA GLY A 77 -43.02 -10.66 14.28
C GLY A 77 -43.20 -9.90 15.58
N ASP A 78 -43.32 -10.62 16.69
CA ASP A 78 -43.60 -10.03 18.00
C ASP A 78 -42.40 -9.27 18.57
N GLN A 79 -42.68 -8.24 19.35
CA GLN A 79 -41.63 -7.42 19.99
C GLN A 79 -41.04 -8.13 21.21
N VAL A 80 -39.73 -8.37 21.15
CA VAL A 80 -38.99 -9.00 22.24
C VAL A 80 -38.66 -7.92 23.29
N GLN A 81 -38.97 -8.19 24.56
CA GLN A 81 -38.70 -7.22 25.62
C GLN A 81 -37.22 -7.14 25.97
N VAL A 82 -36.73 -5.91 26.06
CA VAL A 82 -35.33 -5.64 26.30
C VAL A 82 -35.14 -5.06 27.71
N ARG A 83 -34.25 -5.68 28.48
CA ARG A 83 -33.95 -5.23 29.84
C ARG A 83 -32.98 -4.05 29.85
N ARG A 84 -31.89 -4.19 29.08
CA ARG A 84 -30.81 -3.21 29.05
C ARG A 84 -30.09 -3.25 27.73
N CYS A 85 -29.32 -2.19 27.48
CA CYS A 85 -28.16 -2.25 26.59
C CYS A 85 -27.00 -1.64 27.36
N PHE A 86 -25.80 -2.04 26.97
CA PHE A 86 -24.58 -1.52 27.56
C PHE A 86 -23.47 -1.56 26.52
N GLU A 87 -22.48 -0.69 26.67
CA GLU A 87 -21.31 -0.75 25.83
C GLU A 87 -20.18 -1.47 26.52
N TYR A 88 -19.50 -2.33 25.77
CA TYR A 88 -18.32 -3.02 26.25
C TYR A 88 -17.11 -2.52 25.44
N LYS A 89 -16.36 -1.58 26.02
CA LYS A 89 -15.32 -0.84 25.30
C LYS A 89 -14.19 -1.72 24.82
N LYS A 90 -13.75 -2.63 25.69
CA LYS A 90 -12.56 -3.42 25.46
C LYS A 90 -12.59 -4.11 24.10
N GLN A 91 -13.78 -4.56 23.66
CA GLN A 91 -13.89 -5.23 22.37
C GLN A 91 -14.81 -4.50 21.37
N GLU A 92 -15.07 -3.22 21.63
CA GLU A 92 -15.84 -2.34 20.73
C GLU A 92 -17.25 -2.88 20.41
N TYR A 93 -17.90 -3.40 21.45
CA TYR A 93 -19.25 -3.93 21.33
C TYR A 93 -20.28 -3.02 21.98
N VAL A 94 -21.46 -2.99 21.39
CA VAL A 94 -22.67 -2.59 22.12
C VAL A 94 -23.52 -3.85 22.33
N VAL A 95 -23.97 -4.07 23.56
CA VAL A 95 -24.69 -5.29 23.92
C VAL A 95 -26.09 -5.01 24.47
N VAL A 96 -27.07 -5.76 23.97
CA VAL A 96 -28.42 -5.67 24.48
C VAL A 96 -28.85 -6.98 25.16
N GLU A 97 -29.34 -6.89 26.41
CA GLU A 97 -29.88 -8.07 27.09
C GLU A 97 -31.41 -8.12 27.15
N ALA A 98 -31.96 -9.22 26.65
CA ALA A 98 -33.38 -9.48 26.70
C ALA A 98 -33.76 -9.82 28.15
N GLU A 99 -34.95 -9.41 28.54
CA GLU A 99 -35.59 -9.95 29.73
C GLU A 99 -36.10 -11.32 29.33
N GLU A 100 -35.25 -12.10 28.67
CA GLU A 100 -35.73 -13.31 28.01
C GLU A 100 -34.65 -14.33 27.68
N GLU A 101 -34.19 -14.30 26.42
CA GLU A 101 -33.38 -15.34 25.78
C GLU A 101 -34.31 -16.06 24.84
N LEU A 102 -33.88 -16.22 23.59
CA LEU A 102 -34.74 -16.90 22.62
C LEU A 102 -34.00 -17.92 21.76
N THR A 103 -34.79 -18.77 21.11
CA THR A 103 -34.33 -19.94 20.39
C THR A 103 -33.98 -19.60 18.94
N PRO A 104 -33.19 -20.47 18.27
CA PRO A 104 -32.77 -20.31 16.88
C PRO A 104 -33.86 -19.99 15.85
N SER A 105 -33.44 -19.46 14.70
CA SER A 105 -34.31 -19.26 13.54
C SER A 105 -34.17 -20.48 12.61
N SER A 106 -35.18 -21.34 12.66
CA SER A 106 -35.10 -22.68 12.10
C SER A 106 -35.57 -22.83 10.64
N GLY A 107 -36.35 -21.88 10.16
CA GLY A 107 -36.88 -21.91 8.79
C GLY A 107 -36.31 -20.80 7.92
N ASP A 108 -37.22 -20.08 7.25
CA ASP A 108 -36.86 -18.93 6.43
C ASP A 108 -37.07 -17.59 7.16
N GLY A 109 -37.56 -17.67 8.40
CA GLY A 109 -37.79 -16.48 9.23
C GLY A 109 -36.56 -16.07 9.99
N LEU A 110 -36.51 -14.80 10.38
CA LEU A 110 -35.33 -14.19 11.02
C LEU A 110 -35.71 -13.14 12.07
N TYR A 111 -34.84 -12.93 13.06
CA TYR A 111 -35.00 -11.85 14.03
C TYR A 111 -34.74 -10.51 13.33
N LEU A 112 -35.23 -9.42 13.92
CA LEU A 112 -34.93 -8.09 13.41
C LEU A 112 -34.55 -7.14 14.54
N LEU A 113 -33.33 -6.62 14.48
CA LEU A 113 -32.81 -5.69 15.49
C LEU A 113 -32.74 -4.28 14.92
N THR A 114 -33.44 -3.36 15.60
CA THR A 114 -33.49 -1.97 15.17
C THR A 114 -32.82 -1.06 16.20
N MET A 115 -31.90 -0.23 15.72
CA MET A 115 -31.15 0.67 16.58
C MET A 115 -31.11 2.08 16.00
N GLU A 116 -31.24 3.07 16.89
CA GLU A 116 -31.06 4.46 16.53
C GLU A 116 -29.70 4.93 17.04
N PHE A 117 -29.02 5.75 16.23
CA PHE A 117 -27.67 6.19 16.55
C PHE A 117 -27.34 7.61 16.07
N ALA A 118 -26.34 8.23 16.70
CA ALA A 118 -25.85 9.55 16.34
C ALA A 118 -24.32 9.61 16.39
N GLY A 119 -23.73 10.22 15.37
CA GLY A 119 -22.27 10.33 15.27
C GLY A 119 -21.75 11.67 14.77
N TRP A 120 -20.42 11.77 14.66
CA TRP A 120 -19.77 12.99 14.25
C TRP A 120 -19.16 12.89 12.84
N LEU A 121 -19.18 14.02 12.12
CA LEU A 121 -18.61 14.10 10.79
C LEU A 121 -17.23 14.78 10.78
N ASN A 122 -16.82 15.28 11.95
CA ASN A 122 -15.59 16.08 12.10
C ASN A 122 -14.46 15.32 12.78
N GLY A 123 -13.26 15.87 12.67
CA GLY A 123 -12.09 15.39 13.39
C GLY A 123 -11.51 14.05 12.98
N SER A 124 -11.83 13.59 11.78
CA SER A 124 -11.52 12.19 11.41
C SER A 124 -11.61 11.91 9.92
N LEU A 125 -10.88 10.89 9.47
CA LEU A 125 -10.94 10.50 8.07
C LEU A 125 -11.47 9.08 7.91
N VAL A 126 -12.03 8.53 8.98
CA VAL A 126 -12.62 7.20 8.95
C VAL A 126 -14.07 7.25 9.42
N GLY A 127 -14.81 6.17 9.18
CA GLY A 127 -16.24 6.19 9.41
C GLY A 127 -16.87 7.05 8.35
N PHE A 128 -17.82 7.86 8.80
CA PHE A 128 -18.60 8.75 7.95
C PHE A 128 -18.19 10.16 8.34
N TYR A 129 -17.76 10.95 7.37
CA TYR A 129 -17.13 12.24 7.67
C TYR A 129 -17.35 13.24 6.55
N ARG A 130 -17.10 14.50 6.88
CA ARG A 130 -17.27 15.60 5.95
C ARG A 130 -15.96 16.32 5.76
N THR A 131 -15.69 16.77 4.54
CA THR A 131 -14.55 17.62 4.29
C THR A 131 -14.94 18.69 3.28
N THR A 132 -14.07 19.68 3.07
CA THR A 132 -14.40 20.81 2.23
C THR A 132 -13.42 21.08 1.09
N TYR A 133 -13.87 21.89 0.14
CA TYR A 133 -13.04 22.37 -0.93
C TYR A 133 -13.63 23.69 -1.38
N THR A 134 -12.88 24.43 -2.19
CA THR A 134 -13.31 25.74 -2.63
C THR A 134 -13.66 25.67 -4.12
N GLU A 135 -14.81 26.25 -4.47
CA GLU A 135 -15.26 26.32 -5.84
C GLU A 135 -15.76 27.73 -6.12
N ASN A 136 -15.18 28.39 -7.12
CA ASN A 136 -15.52 29.78 -7.43
C ASN A 136 -15.60 30.68 -6.20
N GLY A 137 -14.67 30.47 -5.26
CA GLY A 137 -14.58 31.28 -4.04
C GLY A 137 -15.44 30.83 -2.88
N ARG A 138 -16.34 29.89 -3.13
CA ARG A 138 -17.26 29.38 -2.11
C ARG A 138 -16.73 28.10 -1.48
N VAL A 139 -16.90 27.97 -0.17
CA VAL A 139 -16.58 26.72 0.52
C VAL A 139 -17.71 25.71 0.28
N LYS A 140 -17.36 24.55 -0.25
CA LYS A 140 -18.33 23.50 -0.49
C LYS A 140 -18.01 22.28 0.36
N SER A 141 -19.01 21.46 0.58
CA SER A 141 -18.89 20.28 1.43
C SER A 141 -19.11 18.99 0.65
N ILE A 142 -18.46 17.94 1.13
CA ILE A 142 -18.71 16.59 0.65
C ILE A 142 -18.52 15.64 1.83
N ALA A 143 -19.39 14.66 1.92
CA ALA A 143 -19.33 13.69 2.99
C ALA A 143 -19.20 12.33 2.38
N ALA A 144 -18.41 11.48 3.01
CA ALA A 144 -18.22 10.13 2.51
C ALA A 144 -17.82 9.22 3.65
N THR A 145 -17.71 7.93 3.33
CA THR A 145 -17.29 6.92 4.29
C THR A 145 -15.97 6.26 3.89
N ASP A 146 -15.24 5.79 4.89
CA ASP A 146 -14.10 4.93 4.68
C ASP A 146 -14.03 3.96 5.84
N HIS A 147 -14.05 2.67 5.53
CA HIS A 147 -14.27 1.64 6.56
C HIS A 147 -13.15 0.64 6.81
N GLU A 148 -12.35 0.32 5.79
CA GLU A 148 -11.39 -0.79 5.90
C GLU A 148 -10.21 -0.49 6.84
N PRO A 149 -9.95 -1.37 7.81
CA PRO A 149 -10.63 -2.64 8.08
C PRO A 149 -11.77 -2.62 9.12
N THR A 150 -11.62 -1.87 10.21
CA THR A 150 -12.60 -1.96 11.30
C THR A 150 -13.27 -0.61 11.64
N ASP A 151 -13.67 0.13 10.60
CA ASP A 151 -14.28 1.45 10.80
C ASP A 151 -15.76 1.55 10.36
N ALA A 152 -16.31 0.51 9.74
CA ALA A 152 -17.76 0.51 9.45
C ALA A 152 -18.53 0.70 10.76
N ARG A 153 -18.01 0.09 11.82
CA ARG A 153 -18.56 0.21 13.16
C ARG A 153 -18.59 1.63 13.73
N LYS A 154 -17.86 2.57 13.08
CA LYS A 154 -17.93 3.99 13.47
C LYS A 154 -19.08 4.66 12.73
N SER A 155 -19.27 4.29 11.47
CA SER A 155 -20.35 4.85 10.68
C SER A 155 -21.71 4.45 11.27
N PHE A 156 -21.91 3.15 11.49
CA PHE A 156 -23.18 2.63 12.01
C PHE A 156 -22.95 1.32 12.76
N PRO A 157 -23.86 0.97 13.69
CA PRO A 157 -23.70 -0.32 14.37
C PRO A 157 -23.78 -1.46 13.36
N CYS A 158 -22.84 -2.40 13.41
CA CYS A 158 -22.88 -3.55 12.49
C CYS A 158 -22.05 -4.74 12.99
N PHE A 159 -22.21 -5.88 12.33
CA PHE A 159 -21.39 -7.05 12.59
C PHE A 159 -20.12 -6.92 11.76
N ASP A 160 -19.14 -6.23 12.32
CA ASP A 160 -18.03 -5.68 11.54
C ASP A 160 -16.86 -6.66 11.31
N GLU A 161 -17.19 -7.83 10.75
CA GLU A 161 -16.19 -8.81 10.35
C GLU A 161 -16.40 -9.20 8.89
N PRO A 162 -15.31 -9.38 8.13
CA PRO A 162 -15.37 -9.65 6.70
C PRO A 162 -16.21 -10.85 6.29
N ASN A 163 -16.29 -11.88 7.14
CA ASN A 163 -17.11 -13.04 6.81
C ASN A 163 -18.59 -12.91 7.20
N LYS A 164 -18.97 -11.84 7.87
CA LYS A 164 -20.39 -11.63 8.21
C LYS A 164 -21.11 -10.89 7.09
N LYS A 165 -21.04 -11.46 5.89
CA LYS A 165 -21.64 -10.87 4.70
C LYS A 165 -23.15 -10.82 4.82
N ALA A 166 -23.70 -9.66 4.51
CA ALA A 166 -25.13 -9.46 4.47
C ALA A 166 -25.48 -8.61 3.26
N THR A 167 -26.77 -8.54 2.95
CA THR A 167 -27.24 -7.73 1.84
C THR A 167 -27.60 -6.33 2.37
N TYR A 168 -27.55 -5.33 1.50
CA TYR A 168 -27.74 -3.94 1.93
C TYR A 168 -28.74 -3.18 1.09
N THR A 169 -29.65 -2.49 1.77
CA THR A 169 -30.47 -1.47 1.14
C THR A 169 -30.32 -0.16 1.91
N ILE A 170 -29.65 0.79 1.26
CA ILE A 170 -29.25 2.03 1.91
C ILE A 170 -30.12 3.20 1.43
N SER A 171 -30.46 4.08 2.37
CA SER A 171 -31.12 5.34 2.07
C SER A 171 -30.49 6.50 2.84
N ILE A 172 -30.49 7.69 2.24
CA ILE A 172 -29.89 8.87 2.85
C ILE A 172 -30.83 10.05 2.68
N THR A 173 -31.04 10.80 3.77
CA THR A 173 -31.76 12.06 3.72
C THR A 173 -30.78 13.23 3.76
N HIS A 174 -30.74 14.00 2.67
CA HIS A 174 -29.72 15.04 2.45
C HIS A 174 -30.37 16.30 1.88
N PRO A 175 -29.69 17.46 1.99
CA PRO A 175 -30.25 18.64 1.32
C PRO A 175 -30.35 18.45 -0.20
N LYS A 176 -31.38 19.01 -0.81
CA LYS A 176 -31.64 18.81 -2.24
C LYS A 176 -30.54 19.31 -3.21
N GLU A 177 -29.75 20.32 -2.79
CA GLU A 177 -28.63 20.81 -3.60
C GLU A 177 -27.59 19.71 -3.80
N TYR A 178 -27.67 18.64 -2.99
CA TYR A 178 -26.69 17.55 -3.04
C TYR A 178 -27.22 16.34 -3.79
N GLY A 179 -26.30 15.61 -4.40
CA GLY A 179 -26.60 14.28 -4.91
C GLY A 179 -26.10 13.28 -3.88
N ALA A 180 -26.64 12.06 -3.93
CA ALA A 180 -26.16 11.00 -3.06
C ALA A 180 -25.73 9.77 -3.88
N LEU A 181 -24.61 9.20 -3.45
CA LEU A 181 -24.04 8.02 -4.07
C LEU A 181 -23.91 6.89 -3.07
N SER A 182 -23.95 5.66 -3.58
CA SER A 182 -23.62 4.47 -2.80
C SER A 182 -23.15 3.34 -3.70
N ASN A 183 -22.97 2.16 -3.12
CA ASN A 183 -22.62 0.94 -3.85
C ASN A 183 -23.54 0.65 -5.04
N MET A 184 -24.84 0.73 -4.83
CA MET A 184 -25.82 0.38 -5.87
C MET A 184 -26.36 1.62 -6.60
N PRO A 185 -26.99 1.44 -7.78
CA PRO A 185 -27.63 2.59 -8.43
C PRO A 185 -28.74 3.16 -7.55
N VAL A 186 -29.18 4.38 -7.88
CA VAL A 186 -30.35 4.99 -7.25
C VAL A 186 -31.61 4.19 -7.63
N ALA A 187 -32.44 3.91 -6.64
CA ALA A 187 -33.74 3.27 -6.90
C ALA A 187 -34.85 4.32 -6.97
N LYS A 188 -34.99 5.11 -5.91
CA LYS A 188 -35.99 6.18 -5.87
C LYS A 188 -35.56 7.40 -5.04
N GLU A 189 -36.03 8.57 -5.47
CA GLU A 189 -35.78 9.83 -4.76
C GLU A 189 -37.12 10.47 -4.39
N GLU A 190 -37.27 10.88 -3.14
CA GLU A 190 -38.52 11.48 -2.66
C GLU A 190 -38.26 12.73 -1.80
N SER A 191 -39.03 13.80 -2.07
CA SER A 191 -38.92 15.07 -1.33
C SER A 191 -39.45 14.89 0.09
N VAL A 192 -38.63 15.22 1.08
CA VAL A 192 -39.06 15.20 2.47
C VAL A 192 -39.69 16.55 2.80
N ASP A 193 -38.92 17.61 2.67
CA ASP A 193 -39.40 18.98 2.71
C ASP A 193 -39.30 19.49 1.29
N ASP A 194 -39.49 20.79 1.11
CA ASP A 194 -39.04 21.44 -0.11
C ASP A 194 -37.52 21.72 -0.04
N LYS A 195 -36.88 21.30 1.06
CA LYS A 195 -35.44 21.48 1.24
C LYS A 195 -34.65 20.17 1.26
N TRP A 196 -35.28 19.07 1.66
CA TRP A 196 -34.58 17.80 1.82
C TRP A 196 -35.04 16.73 0.85
N THR A 197 -34.12 15.83 0.47
CA THR A 197 -34.43 14.69 -0.40
C THR A 197 -34.00 13.40 0.31
N ARG A 198 -34.84 12.38 0.21
CA ARG A 198 -34.49 11.03 0.65
C ARG A 198 -34.14 10.16 -0.56
N THR A 199 -32.90 9.69 -0.60
CA THR A 199 -32.39 8.92 -1.73
C THR A 199 -32.24 7.48 -1.28
N THR A 200 -32.96 6.58 -1.96
CA THR A 200 -32.92 5.15 -1.66
C THR A 200 -32.27 4.38 -2.81
N PHE A 201 -31.30 3.54 -2.48
CA PHE A 201 -30.58 2.76 -3.49
C PHE A 201 -31.11 1.33 -3.57
N GLU A 202 -31.00 0.70 -4.74
CA GLU A 202 -31.50 -0.69 -4.87
C GLU A 202 -30.72 -1.71 -4.05
N LYS A 203 -31.33 -2.88 -3.81
CA LYS A 203 -30.76 -3.91 -2.94
C LYS A 203 -29.36 -4.27 -3.39
N SER A 204 -28.45 -4.44 -2.45
CA SER A 204 -27.09 -4.87 -2.79
C SER A 204 -27.00 -6.38 -2.88
N VAL A 205 -25.90 -6.86 -3.45
CA VAL A 205 -25.52 -8.26 -3.36
C VAL A 205 -24.89 -8.46 -1.97
N PRO A 206 -24.92 -9.71 -1.45
CA PRO A 206 -24.26 -9.97 -0.18
C PRO A 206 -22.83 -9.46 -0.20
N MET A 207 -22.44 -8.69 0.82
CA MET A 207 -21.14 -8.03 0.84
C MET A 207 -20.66 -7.74 2.28
N SER A 208 -19.35 -7.58 2.43
CA SER A 208 -18.75 -7.29 3.73
C SER A 208 -18.98 -5.85 4.16
N THR A 209 -19.05 -5.63 5.47
CA THR A 209 -19.27 -4.30 6.02
C THR A 209 -18.20 -3.28 5.57
N TYR A 210 -16.94 -3.68 5.56
CA TYR A 210 -15.87 -2.76 5.18
C TYR A 210 -16.03 -2.23 3.75
N LEU A 211 -16.87 -2.89 2.95
CA LEU A 211 -17.12 -2.46 1.57
C LEU A 211 -18.29 -1.48 1.43
N VAL A 212 -19.12 -1.38 2.46
CA VAL A 212 -20.31 -0.51 2.44
C VAL A 212 -19.88 0.93 2.34
N CYS A 213 -20.42 1.67 1.36
CA CYS A 213 -20.02 3.05 1.14
C CYS A 213 -21.14 3.96 0.65
N PHE A 214 -21.16 5.18 1.18
CA PHE A 214 -22.07 6.22 0.68
C PHE A 214 -21.41 7.59 0.75
N ALA A 215 -21.92 8.52 -0.06
CA ALA A 215 -21.38 9.87 -0.14
C ALA A 215 -22.46 10.88 -0.48
N VAL A 216 -22.27 12.10 -0.03
CA VAL A 216 -23.14 13.22 -0.35
C VAL A 216 -22.26 14.30 -0.96
N HIS A 217 -22.57 14.68 -2.20
CA HIS A 217 -21.64 15.48 -2.99
C HIS A 217 -22.33 16.42 -3.96
N GLN A 218 -21.57 17.40 -4.46
CA GLN A 218 -22.01 18.28 -5.52
C GLN A 218 -21.01 18.23 -6.69
N PHE A 219 -20.48 17.05 -6.97
CA PHE A 219 -19.47 16.81 -8.04
C PHE A 219 -20.07 16.66 -9.43
N ASP A 220 -19.32 17.08 -10.44
CA ASP A 220 -19.64 16.82 -11.84
C ASP A 220 -19.19 15.40 -12.18
N SER A 221 -19.27 15.00 -13.45
CA SER A 221 -18.89 13.64 -13.83
C SER A 221 -18.40 13.49 -15.27
N VAL A 222 -17.47 12.55 -15.45
CA VAL A 222 -16.99 12.14 -16.76
C VAL A 222 -17.44 10.69 -16.89
N LYS A 223 -18.02 10.37 -18.05
CA LYS A 223 -18.80 9.13 -18.23
C LYS A 223 -18.20 8.19 -19.25
N ARG A 224 -18.36 6.89 -19.01
CA ARG A 224 -18.00 5.84 -19.98
C ARG A 224 -18.89 4.61 -19.87
N ILE A 225 -18.93 3.82 -20.95
CA ILE A 225 -19.77 2.63 -21.00
C ILE A 225 -18.92 1.40 -21.34
N SER A 226 -18.97 0.40 -20.45
CA SER A 226 -18.26 -0.85 -20.62
C SER A 226 -18.79 -1.63 -21.83
N ASN A 227 -18.04 -2.64 -22.25
CA ASN A 227 -18.53 -3.59 -23.25
C ASN A 227 -19.81 -4.28 -22.78
N SER A 228 -19.93 -4.43 -21.46
CA SER A 228 -21.12 -5.00 -20.82
C SER A 228 -22.36 -4.13 -21.01
N GLY A 229 -22.15 -2.85 -21.34
CA GLY A 229 -23.26 -1.89 -21.46
C GLY A 229 -23.57 -1.15 -20.16
N LYS A 230 -22.69 -1.31 -19.18
CA LYS A 230 -22.86 -0.71 -17.85
C LYS A 230 -22.10 0.61 -17.73
N PRO A 231 -22.74 1.63 -17.12
CA PRO A 231 -22.07 2.94 -16.98
C PRO A 231 -20.91 2.92 -15.99
N LEU A 232 -19.75 3.40 -16.44
CA LEU A 232 -18.58 3.60 -15.59
C LEU A 232 -18.32 5.10 -15.55
N THR A 233 -18.54 5.71 -14.40
CA THR A 233 -18.37 7.15 -14.31
C THR A 233 -17.48 7.57 -13.15
N ILE A 234 -16.71 8.64 -13.40
CA ILE A 234 -15.83 9.20 -12.42
C ILE A 234 -16.35 10.58 -12.02
N TYR A 235 -16.63 10.72 -10.73
CA TYR A 235 -17.12 11.98 -10.19
C TYR A 235 -15.95 12.85 -9.80
N VAL A 236 -16.07 14.16 -10.06
CA VAL A 236 -14.94 15.07 -10.00
C VAL A 236 -15.42 16.53 -9.87
N GLN A 237 -14.69 17.34 -9.11
CA GLN A 237 -14.99 18.76 -8.99
C GLN A 237 -15.05 19.39 -10.37
N PRO A 238 -16.09 20.22 -10.64
CA PRO A 238 -16.15 20.94 -11.92
C PRO A 238 -14.80 21.56 -12.36
N GLU A 239 -14.12 22.25 -11.44
CA GLU A 239 -12.80 22.83 -11.69
C GLU A 239 -11.79 21.83 -12.26
N GLN A 240 -11.89 20.58 -11.79
CA GLN A 240 -10.91 19.54 -12.07
C GLN A 240 -11.41 18.55 -13.13
N LYS A 241 -12.54 18.86 -13.76
CA LYS A 241 -13.21 17.92 -14.66
C LYS A 241 -12.29 17.35 -15.74
N HIS A 242 -11.46 18.21 -16.32
CA HIS A 242 -10.54 17.83 -17.39
C HIS A 242 -9.52 16.78 -16.96
N THR A 243 -9.25 16.69 -15.66
CA THR A 243 -8.24 15.78 -15.13
C THR A 243 -8.80 14.40 -14.78
N ALA A 244 -10.05 14.16 -15.12
CA ALA A 244 -10.68 12.86 -14.89
C ALA A 244 -10.66 12.00 -16.14
N GLU A 245 -10.32 12.60 -17.27
CA GLU A 245 -10.29 11.92 -18.57
C GLU A 245 -9.46 10.63 -18.59
N TYR A 246 -8.21 10.72 -18.13
CA TYR A 246 -7.29 9.59 -18.20
C TYR A 246 -7.79 8.42 -17.37
N ALA A 247 -8.19 8.69 -16.13
CA ALA A 247 -8.72 7.65 -15.25
C ALA A 247 -9.95 6.99 -15.88
N ALA A 248 -10.74 7.80 -16.59
CA ALA A 248 -11.94 7.30 -17.26
C ALA A 248 -11.54 6.31 -18.34
N ASN A 249 -10.53 6.68 -19.11
CA ASN A 249 -9.97 5.80 -20.13
C ASN A 249 -9.50 4.49 -19.55
N ILE A 250 -8.61 4.54 -18.55
CA ILE A 250 -8.06 3.32 -17.95
C ILE A 250 -9.13 2.45 -17.31
N THR A 251 -10.12 3.06 -16.66
CA THR A 251 -11.21 2.31 -16.02
C THR A 251 -11.92 1.42 -17.04
N LYS A 252 -12.27 2.00 -18.19
CA LYS A 252 -12.91 1.26 -19.28
C LYS A 252 -12.03 0.10 -19.76
N SER A 253 -10.80 0.44 -20.14
CA SER A 253 -9.87 -0.51 -20.71
C SER A 253 -9.58 -1.67 -19.78
N VAL A 254 -9.38 -1.36 -18.50
CA VAL A 254 -9.01 -2.37 -17.51
C VAL A 254 -10.24 -3.14 -17.02
N PHE A 255 -11.37 -2.45 -16.88
CA PHE A 255 -12.65 -3.10 -16.57
C PHE A 255 -12.97 -4.16 -17.63
N ASP A 256 -12.86 -3.78 -18.91
CA ASP A 256 -13.12 -4.69 -20.03
C ASP A 256 -12.12 -5.84 -20.10
N TYR A 257 -10.87 -5.57 -19.73
CA TYR A 257 -9.83 -6.60 -19.72
C TYR A 257 -10.10 -7.65 -18.64
N PHE A 258 -10.35 -7.19 -17.41
CA PHE A 258 -10.53 -8.10 -16.28
C PHE A 258 -11.77 -8.98 -16.38
N GLU A 259 -12.88 -8.41 -16.82
CA GLU A 259 -14.12 -9.14 -16.95
C GLU A 259 -13.92 -10.37 -17.85
N GLU A 260 -13.20 -10.18 -18.95
CA GLU A 260 -12.86 -11.27 -19.86
C GLU A 260 -11.79 -12.19 -19.28
N TYR A 261 -10.80 -11.62 -18.61
CA TYR A 261 -9.72 -12.42 -18.03
C TYR A 261 -10.18 -13.36 -16.92
N PHE A 262 -11.08 -12.90 -16.07
CA PHE A 262 -11.53 -13.70 -14.95
C PHE A 262 -12.72 -14.59 -15.32
N ALA A 263 -13.22 -14.38 -16.55
CA ALA A 263 -14.39 -15.09 -17.06
C ALA A 263 -15.59 -14.98 -16.12
N MET A 264 -15.80 -13.77 -15.59
CA MET A 264 -16.89 -13.51 -14.68
C MET A 264 -17.38 -12.08 -14.79
N ASN A 265 -18.70 -11.92 -14.83
CA ASN A 265 -19.34 -10.61 -14.87
C ASN A 265 -19.15 -9.85 -13.58
N TYR A 266 -18.81 -8.58 -13.73
CA TYR A 266 -18.90 -7.61 -12.66
C TYR A 266 -20.32 -7.66 -12.08
N SER A 267 -20.39 -7.78 -10.77
CA SER A 267 -21.64 -8.16 -10.10
C SER A 267 -22.71 -7.09 -10.04
N LEU A 268 -22.32 -5.83 -10.19
CA LEU A 268 -23.23 -4.70 -9.99
C LEU A 268 -23.63 -4.02 -11.31
N PRO A 269 -24.76 -3.27 -11.31
CA PRO A 269 -25.22 -2.60 -12.54
C PRO A 269 -24.38 -1.38 -12.93
N LYS A 270 -23.68 -0.78 -11.98
CA LYS A 270 -22.81 0.36 -12.29
C LYS A 270 -21.55 0.37 -11.44
N LEU A 271 -20.60 1.20 -11.86
CA LEU A 271 -19.38 1.40 -11.11
C LEU A 271 -18.99 2.87 -11.15
N ASP A 272 -18.80 3.45 -9.97
CA ASP A 272 -18.45 4.84 -9.80
C ASP A 272 -17.09 4.97 -9.15
N LYS A 273 -16.36 6.02 -9.52
CA LYS A 273 -15.13 6.40 -8.83
C LYS A 273 -15.21 7.86 -8.41
N ILE A 274 -14.58 8.19 -7.30
CA ILE A 274 -14.65 9.55 -6.78
C ILE A 274 -13.47 9.78 -5.85
N ALA A 275 -12.83 10.93 -6.01
CA ALA A 275 -11.74 11.29 -5.13
C ALA A 275 -12.25 12.29 -4.10
N ILE A 276 -12.14 11.93 -2.82
CA ILE A 276 -12.50 12.81 -1.71
C ILE A 276 -11.36 13.79 -1.47
N PRO A 277 -11.67 15.10 -1.35
CA PRO A 277 -10.62 16.13 -1.22
C PRO A 277 -9.65 15.89 -0.07
N ASP A 278 -10.10 15.18 0.97
CA ASP A 278 -9.22 14.79 2.06
C ASP A 278 -9.54 13.33 2.32
N PHE A 279 -8.55 12.45 2.10
CA PHE A 279 -8.81 11.01 2.14
C PHE A 279 -7.63 10.24 2.74
N GLY A 280 -7.94 9.41 3.73
CA GLY A 280 -6.93 8.79 4.60
C GLY A 280 -6.01 7.71 4.06
N THR A 281 -6.43 7.00 3.00
CA THR A 281 -5.52 6.09 2.28
C THR A 281 -5.33 6.43 0.82
N GLY A 282 -4.80 5.48 0.07
CA GLY A 282 -4.53 5.70 -1.34
C GLY A 282 -5.83 5.69 -2.10
N ALA A 283 -6.60 4.63 -1.87
CA ALA A 283 -7.89 4.41 -2.50
C ALA A 283 -8.58 3.26 -1.77
N MET A 284 -9.90 3.15 -1.95
CA MET A 284 -10.67 2.10 -1.30
C MET A 284 -11.67 1.47 -2.27
N GLU A 285 -11.70 0.14 -2.31
CA GLU A 285 -12.38 -0.59 -3.37
C GLU A 285 -13.89 -0.79 -3.17
N ASN A 286 -14.52 0.10 -2.41
CA ASN A 286 -15.94 -0.08 -2.11
C ASN A 286 -16.69 -0.48 -3.37
N TRP A 287 -17.36 -1.63 -3.29
CA TRP A 287 -18.04 -2.22 -4.45
C TRP A 287 -18.94 -1.18 -5.13
N GLY A 288 -18.64 -0.88 -6.40
CA GLY A 288 -19.43 0.09 -7.17
C GLY A 288 -19.18 1.57 -6.90
N LEU A 289 -18.46 1.87 -5.82
CA LEU A 289 -18.16 3.25 -5.45
C LEU A 289 -16.76 3.34 -4.88
N ILE A 290 -15.77 3.34 -5.76
CA ILE A 290 -14.38 3.32 -5.36
C ILE A 290 -13.94 4.74 -5.06
N THR A 291 -13.48 4.95 -3.84
CA THR A 291 -13.03 6.26 -3.39
C THR A 291 -11.51 6.38 -3.54
N TYR A 292 -11.03 7.59 -3.83
CA TYR A 292 -9.62 7.85 -4.12
C TYR A 292 -9.10 9.09 -3.43
N ARG A 293 -7.78 9.09 -3.21
CA ARG A 293 -7.05 10.29 -2.95
C ARG A 293 -6.79 10.92 -4.32
N GLU A 294 -6.93 12.24 -4.42
CA GLU A 294 -6.80 12.91 -5.72
C GLU A 294 -5.53 12.55 -6.53
N THR A 295 -4.36 12.49 -5.86
CA THR A 295 -3.10 12.14 -6.54
C THR A 295 -3.12 10.77 -7.25
N ASN A 296 -4.04 9.90 -6.86
CA ASN A 296 -4.13 8.54 -7.41
C ASN A 296 -5.18 8.38 -8.50
N LEU A 297 -5.91 9.46 -8.79
CA LEU A 297 -7.03 9.42 -9.74
C LEU A 297 -6.94 10.52 -10.78
N LEU A 298 -6.54 11.71 -10.36
CA LEU A 298 -6.64 12.87 -11.22
C LEU A 298 -5.30 13.24 -11.83
N TYR A 299 -5.28 13.26 -13.17
CA TYR A 299 -4.06 13.38 -13.93
C TYR A 299 -4.25 14.41 -15.03
N ASP A 300 -3.28 15.32 -15.16
CA ASP A 300 -3.28 16.33 -16.21
C ASP A 300 -2.08 16.12 -17.15
N PRO A 301 -2.33 15.72 -18.41
CA PRO A 301 -1.18 15.44 -19.30
C PRO A 301 -0.31 16.68 -19.51
N LYS A 302 -0.86 17.86 -19.28
CA LYS A 302 -0.12 19.11 -19.46
C LYS A 302 0.69 19.52 -18.23
N GLU A 303 0.48 18.85 -17.09
CA GLU A 303 1.13 19.25 -15.83
C GLU A 303 1.66 18.07 -15.01
N SER A 304 1.09 16.89 -15.22
CA SER A 304 1.45 15.70 -14.46
C SER A 304 2.61 14.94 -15.12
N ALA A 305 3.36 14.21 -14.30
CA ALA A 305 4.50 13.43 -14.78
C ALA A 305 4.08 12.03 -15.23
N SER A 306 4.97 11.34 -15.94
CA SER A 306 4.73 9.96 -16.40
C SER A 306 4.61 9.03 -15.21
N SER A 307 5.40 9.35 -14.19
CA SER A 307 5.28 8.72 -12.87
C SER A 307 3.86 8.81 -12.33
N ASN A 308 3.25 9.98 -12.47
CA ASN A 308 1.88 10.22 -12.03
C ASN A 308 0.87 9.41 -12.85
N GLN A 309 1.10 9.39 -14.17
CA GLN A 309 0.26 8.66 -15.10
C GLN A 309 0.24 7.17 -14.76
N GLN A 310 1.43 6.63 -14.48
CA GLN A 310 1.57 5.22 -14.14
C GLN A 310 0.93 4.91 -12.81
N ARG A 311 1.13 5.81 -11.84
CA ARG A 311 0.49 5.67 -10.54
C ARG A 311 -1.03 5.63 -10.67
N VAL A 312 -1.62 6.56 -11.43
CA VAL A 312 -3.07 6.60 -11.63
C VAL A 312 -3.54 5.29 -12.26
N ALA A 313 -2.94 4.93 -13.39
CA ALA A 313 -3.29 3.72 -14.11
C ALA A 313 -3.22 2.47 -13.20
N THR A 314 -2.17 2.39 -12.39
N THR A 314 -2.16 2.37 -12.41
CA THR A 314 -1.93 1.25 -11.52
CA THR A 314 -1.98 1.20 -11.52
C THR A 314 -2.93 1.13 -10.36
C THR A 314 -2.98 1.13 -10.36
N VAL A 315 -3.22 2.26 -9.69
CA VAL A 315 -4.18 2.28 -8.57
C VAL A 315 -5.60 1.99 -9.09
N VAL A 316 -5.96 2.61 -10.21
CA VAL A 316 -7.25 2.30 -10.84
C VAL A 316 -7.32 0.81 -11.15
N ALA A 317 -6.25 0.25 -11.71
CA ALA A 317 -6.24 -1.18 -12.02
C ALA A 317 -6.36 -2.00 -10.75
N HIS A 318 -5.58 -1.62 -9.74
CA HIS A 318 -5.59 -2.28 -8.42
C HIS A 318 -7.02 -2.35 -7.90
N GLU A 319 -7.68 -1.19 -7.89
CA GLU A 319 -9.02 -1.06 -7.36
C GLU A 319 -10.01 -1.92 -8.14
N LEU A 320 -9.80 -2.00 -9.45
CA LEU A 320 -10.67 -2.79 -10.30
C LEU A 320 -10.52 -4.29 -10.03
N VAL A 321 -9.30 -4.74 -9.74
CA VAL A 321 -9.07 -6.15 -9.42
C VAL A 321 -9.92 -6.55 -8.23
N HIS A 322 -10.02 -5.67 -7.25
CA HIS A 322 -10.77 -5.94 -6.03
C HIS A 322 -12.25 -6.24 -6.27
N GLN A 323 -12.80 -5.71 -7.37
CA GLN A 323 -14.19 -5.96 -7.69
C GLN A 323 -14.40 -7.47 -7.89
N TRP A 324 -13.32 -8.18 -8.17
CA TRP A 324 -13.34 -9.64 -8.19
C TRP A 324 -12.69 -10.23 -6.94
N PHE A 325 -11.40 -9.99 -6.75
CA PHE A 325 -10.68 -10.50 -5.59
C PHE A 325 -10.75 -9.54 -4.41
N GLY A 326 -11.62 -9.87 -3.47
CA GLY A 326 -11.91 -9.02 -2.33
C GLY A 326 -13.40 -8.78 -2.20
N ASN A 327 -14.03 -8.39 -3.31
CA ASN A 327 -15.46 -8.06 -3.29
C ASN A 327 -16.35 -9.26 -3.55
N ILE A 328 -16.20 -9.89 -4.72
CA ILE A 328 -16.93 -11.12 -5.04
C ILE A 328 -16.53 -12.25 -4.07
N VAL A 329 -15.23 -12.53 -4.00
CA VAL A 329 -14.67 -13.46 -3.02
C VAL A 329 -13.83 -12.67 -2.01
N THR A 330 -14.14 -12.83 -0.74
CA THR A 330 -13.45 -12.12 0.33
C THR A 330 -12.74 -13.13 1.21
N MET A 331 -11.65 -12.73 1.86
CA MET A 331 -10.99 -13.59 2.84
C MET A 331 -11.93 -13.85 4.02
N ASP A 332 -11.83 -15.05 4.61
CA ASP A 332 -12.64 -15.40 5.77
C ASP A 332 -12.25 -14.56 6.99
N TRP A 333 -10.95 -14.37 7.17
CA TRP A 333 -10.46 -13.56 8.26
C TRP A 333 -9.21 -12.78 7.84
N TRP A 334 -8.92 -11.68 8.53
CA TRP A 334 -7.83 -10.76 8.16
C TRP A 334 -6.46 -11.42 8.05
N GLU A 335 -6.28 -12.57 8.69
CA GLU A 335 -5.05 -13.35 8.56
C GLU A 335 -4.81 -13.74 7.11
N ASP A 336 -5.89 -13.87 6.34
CA ASP A 336 -5.80 -14.19 4.92
C ASP A 336 -5.91 -12.94 4.02
N LEU A 337 -5.61 -11.77 4.57
CA LEU A 337 -5.69 -10.49 3.84
C LEU A 337 -5.01 -10.48 2.47
N TRP A 338 -3.88 -11.17 2.35
CA TRP A 338 -3.17 -11.26 1.09
C TRP A 338 -4.03 -11.81 -0.08
N LEU A 339 -5.08 -12.58 0.24
CA LEU A 339 -6.00 -13.07 -0.79
C LEU A 339 -6.68 -11.90 -1.49
N ASN A 340 -6.78 -10.79 -0.77
CA ASN A 340 -7.28 -9.54 -1.33
C ASN A 340 -6.13 -8.74 -1.93
N GLU A 341 -5.20 -8.36 -1.06
CA GLU A 341 -4.20 -7.37 -1.40
C GLU A 341 -3.09 -7.85 -2.33
N GLY A 342 -2.64 -9.08 -2.10
CA GLY A 342 -1.61 -9.68 -2.94
C GLY A 342 -2.12 -9.88 -4.36
N PHE A 343 -3.36 -10.33 -4.46
CA PHE A 343 -4.01 -10.54 -5.76
C PHE A 343 -4.21 -9.25 -6.54
N ALA A 344 -4.68 -8.21 -5.86
CA ALA A 344 -4.81 -6.89 -6.46
C ALA A 344 -3.44 -6.34 -6.88
N SER A 345 -2.44 -6.50 -6.01
CA SER A 345 -1.07 -6.07 -6.30
C SER A 345 -0.42 -6.84 -7.47
N PHE A 346 -0.87 -8.08 -7.69
CA PHE A 346 -0.41 -8.85 -8.84
C PHE A 346 -1.11 -8.45 -10.12
N PHE A 347 -2.44 -8.54 -10.12
CA PHE A 347 -3.24 -8.32 -11.33
C PHE A 347 -3.24 -6.87 -11.80
N GLU A 348 -2.89 -5.94 -10.91
CA GLU A 348 -2.79 -4.53 -11.28
C GLU A 348 -1.84 -4.36 -12.47
N PHE A 349 -0.75 -5.13 -12.47
CA PHE A 349 0.25 -5.08 -13.54
C PHE A 349 -0.23 -5.63 -14.88
N LEU A 350 -1.06 -6.67 -14.83
CA LEU A 350 -1.66 -7.22 -16.04
C LEU A 350 -2.68 -6.24 -16.63
N GLY A 351 -3.46 -5.61 -15.74
CA GLY A 351 -4.41 -4.59 -16.15
C GLY A 351 -3.74 -3.48 -16.94
N VAL A 352 -2.74 -2.85 -16.34
CA VAL A 352 -2.12 -1.67 -16.97
C VAL A 352 -1.26 -2.03 -18.20
N ASN A 353 -0.68 -3.23 -18.18
CA ASN A 353 0.04 -3.76 -19.33
C ASN A 353 -0.87 -3.91 -20.57
N HIS A 354 -2.14 -4.28 -20.33
CA HIS A 354 -3.15 -4.31 -21.38
C HIS A 354 -3.44 -2.89 -21.88
N ALA A 355 -3.60 -1.95 -20.94
CA ALA A 355 -3.96 -0.58 -21.29
C ALA A 355 -2.81 0.17 -21.95
N GLU A 356 -1.61 -0.06 -21.46
CA GLU A 356 -0.41 0.64 -21.92
C GLU A 356 0.67 -0.37 -22.29
N THR A 357 0.84 -0.56 -23.60
CA THR A 357 1.62 -1.65 -24.17
C THR A 357 3.13 -1.53 -24.00
N ASP A 358 3.66 -0.31 -24.16
CA ASP A 358 5.11 -0.13 -24.06
C ASP A 358 5.61 0.38 -22.70
N TRP A 359 4.86 0.05 -21.64
CA TRP A 359 5.26 0.45 -20.29
C TRP A 359 6.15 -0.58 -19.61
N GLN A 360 6.31 -1.75 -20.25
CA GLN A 360 7.13 -2.84 -19.71
C GLN A 360 6.71 -3.18 -18.28
N MET A 361 5.39 -3.18 -18.04
CA MET A 361 4.84 -3.28 -16.70
C MET A 361 5.27 -4.55 -15.97
N ARG A 362 5.22 -5.68 -16.68
CA ARG A 362 5.63 -6.97 -16.13
C ARG A 362 7.01 -6.93 -15.51
N ASP A 363 7.95 -6.31 -16.23
CA ASP A 363 9.29 -6.10 -15.68
C ASP A 363 9.28 -5.14 -14.49
N GLN A 364 8.44 -4.11 -14.56
CA GLN A 364 8.40 -3.12 -13.48
C GLN A 364 7.95 -3.69 -12.13
N MET A 365 7.31 -4.87 -12.17
CA MET A 365 6.97 -5.62 -10.94
C MET A 365 8.18 -5.81 -10.05
N LEU A 366 9.34 -6.07 -10.67
CA LEU A 366 10.59 -6.25 -9.93
C LEU A 366 10.94 -5.00 -9.14
N LEU A 367 10.79 -3.84 -9.79
CA LEU A 367 11.08 -2.55 -9.18
C LEU A 367 10.05 -2.16 -8.12
N GLU A 368 8.78 -2.49 -8.36
CA GLU A 368 7.69 -2.02 -7.51
C GLU A 368 7.46 -2.88 -6.27
N ASP A 369 7.54 -4.20 -6.44
CA ASP A 369 7.16 -5.11 -5.37
C ASP A 369 8.25 -6.10 -4.99
N VAL A 370 8.74 -6.87 -5.95
CA VAL A 370 9.64 -8.00 -5.69
C VAL A 370 10.88 -7.59 -4.90
N LEU A 371 11.73 -6.76 -5.50
CA LEU A 371 13.01 -6.41 -4.87
C LEU A 371 12.86 -5.56 -3.59
N PRO A 372 11.97 -4.53 -3.59
CA PRO A 372 11.76 -3.82 -2.33
C PRO A 372 11.34 -4.73 -1.17
N VAL A 373 10.38 -5.62 -1.38
CA VAL A 373 9.95 -6.49 -0.27
C VAL A 373 10.95 -7.59 0.11
N GLN A 374 11.91 -7.90 -0.77
CA GLN A 374 12.99 -8.82 -0.37
C GLN A 374 13.92 -8.18 0.65
N GLU A 375 13.99 -6.86 0.62
CA GLU A 375 14.60 -6.11 1.71
C GLU A 375 13.80 -6.29 3.02
N ASP A 376 12.50 -5.99 2.98
CA ASP A 376 11.60 -6.11 4.15
C ASP A 376 11.66 -7.49 4.78
N ASP A 377 11.57 -8.53 3.95
CA ASP A 377 11.39 -9.90 4.40
C ASP A 377 12.73 -10.58 4.74
N SER A 378 13.79 -9.80 4.78
CA SER A 378 15.07 -10.30 5.26
C SER A 378 15.33 -9.85 6.70
N LEU A 379 14.34 -9.23 7.34
CA LEU A 379 14.44 -8.86 8.75
C LEU A 379 13.80 -9.92 9.64
N MET A 380 14.30 -10.04 10.86
CA MET A 380 13.74 -10.93 11.87
C MET A 380 12.32 -10.49 12.23
N SER A 381 12.07 -9.20 12.12
CA SER A 381 10.80 -8.61 12.49
C SER A 381 9.82 -8.51 11.31
N SER A 382 10.02 -9.35 10.30
CA SER A 382 9.02 -9.55 9.25
C SER A 382 7.96 -10.46 9.85
N HIS A 383 7.03 -10.93 9.04
CA HIS A 383 6.00 -11.87 9.49
C HIS A 383 5.53 -12.73 8.32
N PRO A 384 4.98 -13.92 8.61
CA PRO A 384 4.50 -14.74 7.51
C PRO A 384 3.30 -14.10 6.82
N ILE A 385 3.07 -14.49 5.56
CA ILE A 385 1.96 -13.98 4.77
C ILE A 385 0.62 -14.22 5.46
N ILE A 386 0.42 -15.43 5.98
CA ILE A 386 -0.73 -15.72 6.82
C ILE A 386 -0.40 -15.35 8.27
N VAL A 387 -1.07 -14.31 8.78
CA VAL A 387 -0.70 -13.61 10.03
C VAL A 387 -1.75 -13.66 11.12
N THR A 388 -1.36 -14.13 12.29
CA THR A 388 -2.23 -14.11 13.47
C THR A 388 -2.51 -12.67 13.96
N VAL A 389 -3.77 -12.26 13.94
CA VAL A 389 -4.18 -10.93 14.38
C VAL A 389 -5.32 -10.98 15.41
N THR A 390 -5.13 -10.29 16.54
CA THR A 390 -6.04 -10.42 17.69
C THR A 390 -6.64 -9.10 18.20
N THR A 391 -6.25 -7.98 17.61
CA THR A 391 -6.79 -6.66 17.95
C THR A 391 -7.02 -5.85 16.68
N PRO A 392 -7.87 -4.80 16.73
CA PRO A 392 -7.98 -3.89 15.58
C PRO A 392 -6.64 -3.28 15.16
N ASP A 393 -5.77 -2.95 16.11
CA ASP A 393 -4.43 -2.40 15.79
C ASP A 393 -3.58 -3.43 15.02
N GLU A 394 -3.65 -4.69 15.40
CA GLU A 394 -2.93 -5.74 14.68
C GLU A 394 -3.46 -5.95 13.27
N ILE A 395 -4.78 -5.97 13.14
CA ILE A 395 -5.44 -6.10 11.85
C ILE A 395 -4.96 -5.02 10.87
N THR A 396 -4.99 -3.76 11.30
CA THR A 396 -4.67 -2.68 10.39
C THR A 396 -3.17 -2.66 10.03
N SER A 397 -2.34 -3.18 10.94
CA SER A 397 -0.89 -3.22 10.76
C SER A 397 -0.45 -4.07 9.56
N VAL A 398 -1.21 -5.13 9.26
CA VAL A 398 -0.81 -6.08 8.24
C VAL A 398 -1.18 -5.66 6.82
N PHE A 399 -1.76 -4.47 6.69
CA PHE A 399 -1.85 -3.81 5.38
C PHE A 399 -0.46 -3.27 5.06
N ASP A 400 0.43 -4.14 4.65
CA ASP A 400 1.86 -3.81 4.57
C ASP A 400 2.56 -4.46 3.37
N GLY A 401 3.88 -4.29 3.29
CA GLY A 401 4.69 -4.85 2.21
C GLY A 401 4.52 -6.35 2.05
N ILE A 402 4.39 -7.08 3.17
CA ILE A 402 4.21 -8.53 3.12
C ILE A 402 2.90 -8.90 2.41
N SER A 403 1.79 -8.30 2.86
CA SER A 403 0.50 -8.60 2.27
C SER A 403 0.45 -8.23 0.81
N TYR A 404 0.94 -7.05 0.46
CA TYR A 404 0.90 -6.57 -0.93
C TYR A 404 2.03 -7.09 -1.80
N SER A 405 3.27 -6.77 -1.43
CA SER A 405 4.39 -7.00 -2.32
C SER A 405 4.83 -8.44 -2.35
N LYS A 406 4.99 -9.06 -1.18
CA LYS A 406 5.33 -10.47 -1.12
C LYS A 406 4.17 -11.33 -1.62
N GLY A 407 2.95 -10.93 -1.27
CA GLY A 407 1.77 -11.52 -1.88
C GLY A 407 1.86 -11.52 -3.39
N SER A 408 2.05 -10.33 -3.96
CA SER A 408 2.27 -10.16 -5.40
C SER A 408 3.46 -10.97 -5.92
N SER A 409 4.52 -11.09 -5.14
CA SER A 409 5.72 -11.75 -5.62
C SER A 409 5.58 -13.25 -5.68
N ILE A 410 4.98 -13.85 -4.66
CA ILE A 410 4.82 -15.30 -4.65
C ILE A 410 3.74 -15.80 -5.62
N LEU A 411 2.84 -14.90 -6.05
CA LEU A 411 1.88 -15.23 -7.10
C LEU A 411 2.56 -15.19 -8.47
N ARG A 412 3.50 -14.26 -8.61
CA ARG A 412 4.30 -14.10 -9.82
C ARG A 412 5.18 -15.33 -10.04
N MET A 413 5.76 -15.83 -8.96
CA MET A 413 6.54 -17.07 -9.00
C MET A 413 5.62 -18.26 -9.30
N LEU A 414 4.46 -18.28 -8.65
CA LEU A 414 3.49 -19.35 -8.83
C LEU A 414 3.02 -19.43 -10.28
N GLU A 415 2.61 -18.28 -10.85
CA GLU A 415 2.14 -18.22 -12.24
C GLU A 415 3.17 -18.79 -13.19
N ASP A 416 4.42 -18.33 -13.07
CA ASP A 416 5.49 -18.77 -13.94
C ASP A 416 5.74 -20.26 -13.83
N TRP A 417 5.75 -20.76 -12.60
CA TRP A 417 5.98 -22.18 -12.31
C TRP A 417 4.86 -23.03 -12.88
N ILE A 418 3.64 -22.59 -12.67
CA ILE A 418 2.45 -23.34 -13.02
C ILE A 418 1.98 -23.06 -14.46
N LYS A 419 2.62 -22.06 -15.08
CA LYS A 419 2.26 -21.55 -16.41
C LYS A 419 1.03 -20.64 -16.35
N PRO A 420 1.07 -19.50 -17.08
CA PRO A 420 0.00 -18.51 -17.07
C PRO A 420 -1.38 -19.10 -17.34
N GLU A 421 -1.50 -19.89 -18.41
CA GLU A 421 -2.77 -20.48 -18.83
C GLU A 421 -3.49 -21.18 -17.68
N ASN A 422 -2.74 -22.00 -16.93
CA ASN A 422 -3.30 -22.79 -15.84
C ASN A 422 -3.57 -21.99 -14.59
N PHE A 423 -2.74 -20.98 -14.34
CA PHE A 423 -2.96 -20.05 -13.25
C PHE A 423 -4.28 -19.30 -13.47
N GLN A 424 -4.48 -18.86 -14.72
CA GLN A 424 -5.69 -18.14 -15.13
C GLN A 424 -6.95 -18.97 -14.86
N LYS A 425 -7.00 -20.16 -15.45
CA LYS A 425 -8.12 -21.08 -15.28
C LYS A 425 -8.40 -21.39 -13.80
N GLY A 426 -7.35 -21.60 -13.03
CA GLY A 426 -7.48 -21.86 -11.60
C GLY A 426 -8.10 -20.70 -10.82
N CYS A 427 -7.75 -19.48 -11.21
CA CYS A 427 -8.33 -18.28 -10.60
C CYS A 427 -9.81 -18.18 -10.90
N GLN A 428 -10.18 -18.55 -12.13
CA GLN A 428 -11.57 -18.53 -12.58
C GLN A 428 -12.42 -19.49 -11.73
N MET A 429 -11.91 -20.69 -11.52
CA MET A 429 -12.61 -21.72 -10.73
C MET A 429 -12.76 -21.32 -9.27
N TYR A 430 -11.74 -20.63 -8.73
CA TYR A 430 -11.78 -20.06 -7.39
C TYR A 430 -12.91 -19.04 -7.27
N LEU A 431 -13.07 -18.22 -8.30
CA LEU A 431 -14.13 -17.19 -8.35
C LEU A 431 -15.53 -17.76 -8.49
N GLU A 432 -15.65 -18.85 -9.26
CA GLU A 432 -16.93 -19.55 -9.42
C GLU A 432 -17.41 -20.15 -8.10
N LYS A 433 -16.47 -20.77 -7.39
CA LYS A 433 -16.77 -21.60 -6.22
C LYS A 433 -17.16 -20.78 -4.99
N TYR A 434 -16.38 -19.73 -4.71
CA TYR A 434 -16.57 -18.95 -3.48
C TYR A 434 -17.29 -17.60 -3.68
N GLN A 435 -17.85 -17.39 -4.87
CA GLN A 435 -18.60 -16.17 -5.17
C GLN A 435 -19.61 -15.84 -4.08
N PHE A 436 -19.57 -14.59 -3.61
CA PHE A 436 -20.44 -14.09 -2.53
C PHE A 436 -20.27 -14.83 -1.21
N LYS A 437 -19.11 -15.45 -1.04
CA LYS A 437 -18.75 -16.12 0.20
C LYS A 437 -17.31 -15.78 0.53
N ASN A 438 -16.75 -16.52 1.49
CA ASN A 438 -15.39 -16.28 1.92
C ASN A 438 -14.49 -17.49 1.78
N ALA A 439 -13.21 -17.24 1.54
CA ALA A 439 -12.24 -18.31 1.34
C ALA A 439 -11.07 -18.15 2.29
N LYS A 440 -10.46 -19.29 2.62
CA LYS A 440 -9.18 -19.34 3.32
C LYS A 440 -8.10 -19.54 2.26
N THR A 441 -6.84 -19.43 2.66
CA THR A 441 -5.74 -19.69 1.74
C THR A 441 -5.78 -21.14 1.22
N SER A 442 -6.02 -22.10 2.12
CA SER A 442 -6.20 -23.51 1.76
C SER A 442 -7.13 -23.70 0.57
N ASP A 443 -8.20 -22.91 0.53
CA ASP A 443 -9.20 -22.97 -0.54
C ASP A 443 -8.62 -22.60 -1.91
N PHE A 444 -7.69 -21.64 -1.93
CA PHE A 444 -7.10 -21.17 -3.17
C PHE A 444 -6.09 -22.16 -3.74
N TRP A 445 -5.30 -22.78 -2.87
CA TRP A 445 -4.33 -23.78 -3.32
C TRP A 445 -5.09 -24.90 -4.03
N ALA A 446 -6.11 -25.44 -3.35
CA ALA A 446 -6.92 -26.54 -3.90
C ALA A 446 -7.52 -26.22 -5.26
N ALA A 447 -7.86 -24.95 -5.47
CA ALA A 447 -8.41 -24.48 -6.73
C ALA A 447 -7.40 -24.61 -7.88
N LEU A 448 -6.19 -24.11 -7.65
CA LEU A 448 -5.11 -24.23 -8.64
C LEU A 448 -4.60 -25.67 -8.75
N GLU A 449 -4.74 -26.43 -7.66
CA GLU A 449 -4.37 -27.84 -7.64
C GLU A 449 -5.28 -28.62 -8.57
N GLU A 450 -6.55 -28.18 -8.66
CA GLU A 450 -7.50 -28.70 -9.64
C GLU A 450 -7.13 -28.34 -11.08
N ALA A 451 -6.36 -27.26 -11.25
CA ALA A 451 -5.99 -26.79 -12.58
C ALA A 451 -4.59 -27.21 -13.02
N SER A 452 -3.86 -27.91 -12.14
CA SER A 452 -2.48 -28.32 -12.43
C SER A 452 -2.12 -29.74 -12.02
N ARG A 453 -2.78 -30.24 -10.98
CA ARG A 453 -2.42 -31.51 -10.32
C ARG A 453 -0.97 -31.50 -9.80
N LEU A 454 -0.32 -30.35 -9.94
CA LEU A 454 0.97 -30.06 -9.33
C LEU A 454 0.73 -29.87 -7.82
N PRO A 455 1.77 -30.14 -7.00
CA PRO A 455 1.60 -30.00 -5.54
C PRO A 455 1.59 -28.55 -5.05
N VAL A 456 0.52 -27.82 -5.34
CA VAL A 456 0.43 -26.39 -5.02
C VAL A 456 0.44 -26.15 -3.50
N LYS A 457 -0.43 -26.85 -2.78
CA LYS A 457 -0.49 -26.71 -1.33
C LYS A 457 0.87 -26.98 -0.69
N GLU A 458 1.46 -28.12 -1.00
CA GLU A 458 2.74 -28.54 -0.41
C GLU A 458 3.87 -27.52 -0.63
N VAL A 459 3.93 -26.98 -1.84
CA VAL A 459 4.98 -26.05 -2.24
C VAL A 459 4.70 -24.63 -1.73
N MET A 460 3.47 -24.17 -1.91
CA MET A 460 3.13 -22.79 -1.60
C MET A 460 2.96 -22.52 -0.10
N ASP A 461 2.64 -23.56 0.67
CA ASP A 461 2.60 -23.46 2.14
C ASP A 461 3.93 -22.96 2.72
N THR A 462 5.03 -23.41 2.12
CA THR A 462 6.36 -23.04 2.60
C THR A 462 6.63 -21.55 2.41
N TRP A 463 5.98 -20.95 1.41
CA TRP A 463 6.14 -19.52 1.11
C TRP A 463 5.18 -18.62 1.87
N THR A 464 4.31 -19.25 2.65
CA THR A 464 3.09 -18.60 3.11
C THR A 464 2.84 -18.73 4.62
N ARG A 465 3.33 -19.83 5.21
CA ARG A 465 3.12 -20.10 6.63
C ARG A 465 4.36 -19.82 7.49
N GLN A 466 5.39 -19.26 6.88
CA GLN A 466 6.58 -18.79 7.59
C GLN A 466 7.11 -17.52 6.91
N MET A 467 7.73 -16.66 7.69
CA MET A 467 8.35 -15.46 7.15
C MET A 467 9.66 -15.80 6.44
N GLY A 468 10.24 -14.80 5.75
CA GLY A 468 11.56 -14.94 5.16
C GLY A 468 11.60 -15.68 3.84
N TYR A 469 12.82 -15.88 3.33
CA TYR A 469 13.05 -16.50 2.04
C TYR A 469 14.49 -17.02 1.97
N PRO A 470 14.76 -17.95 1.04
CA PRO A 470 16.11 -18.53 1.00
C PRO A 470 17.09 -17.77 0.11
N VAL A 471 18.38 -17.98 0.37
CA VAL A 471 19.43 -17.70 -0.60
C VAL A 471 19.91 -19.06 -1.11
N LEU A 472 20.04 -19.17 -2.42
CA LEU A 472 20.60 -20.36 -3.03
C LEU A 472 22.12 -20.23 -3.12
N ASN A 473 22.82 -21.11 -2.42
CA ASN A 473 24.26 -21.13 -2.45
C ASN A 473 24.77 -22.08 -3.52
N VAL A 474 25.55 -21.55 -4.45
CA VAL A 474 26.04 -22.33 -5.57
C VAL A 474 27.40 -22.93 -5.25
N ASN A 475 27.45 -24.25 -5.30
CA ASN A 475 28.71 -24.97 -5.20
C ASN A 475 29.01 -25.63 -6.54
N GLY A 476 30.14 -25.26 -7.13
CA GLY A 476 30.61 -25.85 -8.38
C GLY A 476 29.74 -25.62 -9.59
N VAL A 477 29.27 -24.39 -9.76
CA VAL A 477 28.47 -23.98 -10.95
C VAL A 477 27.07 -24.62 -11.01
N LYS A 478 26.92 -25.79 -10.40
CA LYS A 478 25.79 -26.68 -10.67
C LYS A 478 25.03 -27.16 -9.41
N ASN A 479 25.74 -27.38 -8.31
CA ASN A 479 25.12 -27.77 -7.05
C ASN A 479 24.59 -26.56 -6.30
N ILE A 480 23.35 -26.65 -5.86
CA ILE A 480 22.77 -25.58 -5.04
C ILE A 480 22.31 -26.11 -3.70
N THR A 481 22.47 -25.28 -2.67
CA THR A 481 21.88 -25.54 -1.36
C THR A 481 21.07 -24.34 -0.97
N GLN A 482 20.05 -24.56 -0.13
CA GLN A 482 19.24 -23.46 0.38
C GLN A 482 19.57 -23.13 1.83
N LYS A 483 19.58 -21.84 2.14
CA LYS A 483 19.74 -21.38 3.51
C LYS A 483 18.90 -20.11 3.64
N ARG A 484 18.29 -19.93 4.81
CA ARG A 484 17.48 -18.73 5.05
C ARG A 484 18.36 -17.50 4.91
N PHE A 485 17.84 -16.47 4.26
CA PHE A 485 18.57 -15.22 4.08
C PHE A 485 18.10 -14.19 5.09
N LEU A 486 19.02 -13.76 5.94
CA LEU A 486 18.78 -12.71 6.92
C LEU A 486 19.85 -11.63 6.78
N LEU A 487 19.43 -10.38 6.86
CA LEU A 487 20.34 -9.26 6.71
C LEU A 487 21.31 -9.19 7.89
N ASP A 488 20.83 -9.60 9.06
CA ASP A 488 21.64 -9.64 10.27
C ASP A 488 22.27 -11.02 10.45
N PRO A 489 23.61 -11.12 10.27
CA PRO A 489 24.31 -12.41 10.41
C PRO A 489 24.27 -12.95 11.84
N ARG A 490 24.11 -12.08 12.82
CA ARG A 490 24.11 -12.49 14.24
C ARG A 490 22.76 -13.09 14.65
N ALA A 491 21.71 -12.76 13.90
CA ALA A 491 20.36 -13.26 14.19
C ALA A 491 20.27 -14.78 14.16
N ASN A 492 19.42 -15.34 15.01
CA ASN A 492 19.20 -16.77 15.07
C ASN A 492 18.26 -17.21 13.96
N PRO A 493 18.78 -17.99 12.99
CA PRO A 493 18.06 -18.35 11.76
C PRO A 493 16.82 -19.21 11.98
N SER A 494 16.70 -19.80 13.16
CA SER A 494 15.56 -20.64 13.48
C SER A 494 14.40 -19.92 14.19
N GLN A 495 14.58 -18.62 14.47
CA GLN A 495 13.55 -17.83 15.18
C GLN A 495 12.80 -16.87 14.26
N PRO A 496 11.52 -16.60 14.56
CA PRO A 496 10.67 -17.27 15.55
C PRO A 496 10.35 -18.69 15.09
N PRO A 497 10.01 -19.57 16.03
CA PRO A 497 9.78 -20.99 15.70
C PRO A 497 8.83 -21.22 14.52
N SER A 498 9.26 -22.06 13.59
CA SER A 498 8.46 -22.41 12.41
C SER A 498 8.38 -23.92 12.26
N ASP A 499 7.16 -24.42 12.10
CA ASP A 499 6.92 -25.85 11.87
C ASP A 499 7.70 -26.36 10.66
N LEU A 500 7.88 -25.50 9.67
CA LEU A 500 8.61 -25.83 8.45
C LEU A 500 10.11 -25.58 8.58
N GLY A 501 10.51 -24.97 9.70
CA GLY A 501 11.92 -24.82 10.05
C GLY A 501 12.77 -24.02 9.09
N TYR A 502 12.14 -23.08 8.39
CA TYR A 502 12.82 -22.20 7.41
C TYR A 502 13.58 -22.94 6.28
N THR A 503 12.95 -23.98 5.75
CA THR A 503 13.32 -24.55 4.45
C THR A 503 12.09 -24.48 3.55
N TRP A 504 12.33 -24.30 2.25
CA TRP A 504 11.26 -24.06 1.29
C TRP A 504 11.25 -25.06 0.16
N ASN A 505 10.08 -25.28 -0.41
CA ASN A 505 9.98 -25.93 -1.70
C ASN A 505 10.08 -24.84 -2.77
N ILE A 506 11.23 -24.80 -3.44
CA ILE A 506 11.56 -23.69 -4.33
C ILE A 506 11.42 -24.11 -5.78
N PRO A 507 10.47 -23.51 -6.51
CA PRO A 507 10.46 -23.74 -7.95
C PRO A 507 11.66 -23.02 -8.53
N VAL A 508 12.61 -23.79 -9.04
CA VAL A 508 13.86 -23.23 -9.53
C VAL A 508 13.87 -23.28 -11.06
N LYS A 509 14.19 -22.13 -11.66
CA LYS A 509 14.38 -22.03 -13.11
C LYS A 509 15.77 -21.49 -13.38
N TRP A 510 16.36 -21.94 -14.48
CA TRP A 510 17.66 -21.45 -14.90
C TRP A 510 17.82 -21.47 -16.42
N THR A 511 18.76 -20.67 -16.92
CA THR A 511 19.00 -20.57 -18.36
C THR A 511 20.39 -21.06 -18.71
N GLU A 512 20.43 -22.14 -19.49
CA GLU A 512 21.66 -22.69 -20.05
C GLU A 512 21.72 -22.27 -21.53
N ASP A 513 22.60 -21.31 -21.84
CA ASP A 513 22.87 -20.89 -23.21
C ASP A 513 21.62 -20.56 -24.03
N ASN A 514 20.76 -19.70 -23.48
CA ASN A 514 19.48 -19.31 -24.12
C ASN A 514 18.39 -20.40 -24.11
N ILE A 515 18.62 -21.51 -23.39
CA ILE A 515 17.58 -22.52 -23.19
C ILE A 515 17.24 -22.64 -21.69
N THR A 516 15.95 -22.78 -21.39
CA THR A 516 15.44 -22.72 -20.02
C THR A 516 14.95 -24.06 -19.49
N SER A 517 15.35 -24.39 -18.26
CA SER A 517 14.86 -25.61 -17.60
C SER A 517 14.26 -25.32 -16.22
N SER A 518 13.59 -26.33 -15.65
CA SER A 518 12.80 -26.17 -14.44
C SER A 518 12.95 -27.35 -13.48
N VAL A 519 13.09 -27.06 -12.19
CA VAL A 519 13.10 -28.09 -11.13
C VAL A 519 12.42 -27.55 -9.88
N LEU A 520 11.65 -28.41 -9.23
CA LEU A 520 11.18 -28.15 -7.87
C LEU A 520 12.24 -28.65 -6.88
N PHE A 521 12.83 -27.72 -6.13
CA PHE A 521 13.82 -28.05 -5.12
C PHE A 521 13.07 -28.40 -3.84
N ASN A 522 12.99 -29.69 -3.52
CA ASN A 522 12.23 -30.20 -2.37
C ASN A 522 12.93 -29.94 -1.02
N ARG A 523 12.15 -29.47 -0.03
CA ARG A 523 12.59 -29.30 1.37
C ARG A 523 13.42 -30.46 1.89
N SER A 524 12.90 -31.67 1.69
CA SER A 524 13.48 -32.90 2.26
C SER A 524 14.82 -33.31 1.63
N GLU A 525 15.27 -32.57 0.62
CA GLU A 525 16.61 -32.75 0.05
C GLU A 525 17.59 -31.90 0.85
N LYS A 526 17.86 -32.33 2.08
CA LYS A 526 18.63 -31.58 3.08
C LYS A 526 20.01 -31.15 2.59
N GLU A 527 20.63 -31.98 1.76
CA GLU A 527 21.97 -31.70 1.31
C GLU A 527 22.00 -31.12 -0.10
N GLY A 528 20.88 -30.50 -0.49
CA GLY A 528 20.78 -29.80 -1.77
C GLY A 528 20.53 -30.71 -2.96
N ILE A 529 20.36 -30.08 -4.13
CA ILE A 529 20.14 -30.80 -5.39
C ILE A 529 21.12 -30.32 -6.47
N THR A 530 21.20 -31.08 -7.56
CA THR A 530 22.09 -30.76 -8.67
C THR A 530 21.26 -30.40 -9.90
N LEU A 531 21.59 -29.28 -10.54
CA LEU A 531 20.81 -28.76 -11.67
C LEU A 531 21.21 -29.41 -13.00
N ASN A 532 20.27 -30.13 -13.60
CA ASN A 532 20.54 -30.90 -14.82
C ASN A 532 20.80 -30.05 -16.06
N SER A 537 25.62 -31.00 -22.90
CA SER A 537 25.38 -29.63 -22.45
C SER A 537 26.58 -29.01 -21.72
N GLY A 538 27.47 -29.87 -21.18
CA GLY A 538 28.68 -29.46 -20.42
C GLY A 538 28.95 -27.98 -20.30
N ASN A 539 28.31 -27.35 -19.32
CA ASN A 539 28.27 -25.88 -19.23
C ASN A 539 29.44 -25.20 -18.53
N ALA A 540 29.64 -23.93 -18.90
CA ALA A 540 30.63 -23.04 -18.28
C ALA A 540 29.97 -21.87 -17.54
N PHE A 541 28.65 -21.70 -17.72
CA PHE A 541 27.89 -20.66 -17.00
C PHE A 541 26.37 -20.89 -16.91
N LEU A 542 25.88 -20.96 -15.67
CA LEU A 542 24.48 -21.19 -15.41
C LEU A 542 23.81 -19.92 -14.86
N LYS A 543 22.86 -19.37 -15.59
CA LYS A 543 22.08 -18.20 -15.16
C LYS A 543 20.86 -18.64 -14.36
N ILE A 544 20.98 -18.61 -13.03
CA ILE A 544 19.94 -19.12 -12.14
C ILE A 544 18.94 -18.01 -11.79
N ASN A 545 17.66 -18.36 -11.77
CA ASN A 545 16.57 -17.42 -11.48
C ASN A 545 16.48 -16.29 -12.51
N PRO A 546 16.13 -16.64 -13.78
CA PRO A 546 16.01 -15.62 -14.83
C PRO A 546 14.90 -14.62 -14.50
N ASP A 547 15.15 -13.35 -14.83
CA ASP A 547 14.22 -12.24 -14.55
C ASP A 547 13.81 -12.13 -13.07
N HIS A 548 14.61 -12.74 -12.19
CA HIS A 548 14.35 -12.80 -10.75
C HIS A 548 12.92 -13.28 -10.49
N ILE A 549 12.50 -14.31 -11.21
CA ILE A 549 11.10 -14.75 -11.19
C ILE A 549 10.73 -15.48 -9.90
N GLY A 550 11.71 -16.15 -9.29
CA GLY A 550 11.53 -16.79 -8.00
C GLY A 550 11.88 -15.87 -6.85
N PHE A 551 11.18 -16.04 -5.73
CA PHE A 551 11.33 -15.17 -4.57
C PHE A 551 12.49 -15.61 -3.68
N TYR A 552 13.70 -15.58 -4.26
CA TYR A 552 14.90 -16.00 -3.54
C TYR A 552 16.12 -15.29 -4.12
N ARG A 553 17.24 -15.37 -3.43
CA ARG A 553 18.49 -14.82 -3.96
C ARG A 553 19.45 -15.96 -4.33
N VAL A 554 20.32 -15.68 -5.30
CA VAL A 554 21.31 -16.65 -5.73
C VAL A 554 22.70 -16.12 -5.43
N ASN A 555 23.44 -16.87 -4.62
CA ASN A 555 24.82 -16.53 -4.31
C ASN A 555 25.76 -17.46 -5.06
N TYR A 556 26.26 -16.97 -6.19
CA TYR A 556 27.21 -17.71 -7.00
C TYR A 556 28.55 -17.80 -6.26
N GLU A 557 29.41 -18.71 -6.71
CA GLU A 557 30.77 -18.75 -6.22
C GLU A 557 31.44 -17.41 -6.54
N VAL A 558 32.37 -16.99 -5.70
CA VAL A 558 33.06 -15.71 -5.88
C VAL A 558 33.68 -15.61 -7.28
N ALA A 559 34.27 -16.70 -7.76
CA ALA A 559 34.87 -16.76 -9.11
C ALA A 559 33.85 -16.40 -10.19
N THR A 560 32.66 -16.97 -10.09
CA THR A 560 31.57 -16.69 -11.02
C THR A 560 31.16 -15.20 -10.97
N TRP A 561 31.02 -14.66 -9.76
CA TRP A 561 30.68 -13.24 -9.58
C TRP A 561 31.71 -12.33 -10.25
N ASP A 562 32.98 -12.68 -10.06
CA ASP A 562 34.12 -12.01 -10.67
C ASP A 562 34.00 -12.03 -12.19
N SER A 563 33.66 -13.19 -12.74
CA SER A 563 33.49 -13.35 -14.18
C SER A 563 32.27 -12.56 -14.72
N ILE A 564 31.24 -12.43 -13.90
CA ILE A 564 30.06 -11.63 -14.26
C ILE A 564 30.45 -10.16 -14.43
N ALA A 565 31.17 -9.61 -13.46
CA ALA A 565 31.66 -8.24 -13.53
C ALA A 565 32.46 -7.95 -14.80
N THR A 566 33.35 -8.88 -15.16
CA THR A 566 34.12 -8.80 -16.40
C THR A 566 33.22 -8.86 -17.64
N ALA A 567 32.27 -9.79 -17.65
CA ALA A 567 31.33 -9.92 -18.76
C ALA A 567 30.50 -8.63 -18.94
N LEU A 568 30.14 -8.01 -17.83
CA LEU A 568 29.42 -6.74 -17.88
C LEU A 568 30.27 -5.62 -18.48
N SER A 569 31.56 -5.58 -18.12
CA SER A 569 32.45 -4.53 -18.62
C SER A 569 32.72 -4.71 -20.11
N LEU A 570 32.78 -5.97 -20.55
CA LEU A 570 33.02 -6.28 -21.96
C LEU A 570 31.78 -6.10 -22.82
N ASN A 571 30.63 -6.60 -22.36
CA ASN A 571 29.36 -6.49 -23.09
C ASN A 571 28.16 -6.77 -22.18
N HIS A 572 27.66 -5.73 -21.52
CA HIS A 572 26.59 -5.90 -20.53
C HIS A 572 25.30 -6.46 -21.12
N LYS A 573 25.07 -6.20 -22.41
CA LYS A 573 23.89 -6.64 -23.14
C LYS A 573 23.76 -8.17 -23.21
N THR A 574 24.83 -8.86 -22.84
CA THR A 574 24.84 -10.31 -22.74
C THR A 574 23.75 -10.80 -21.80
N PHE A 575 23.46 -9.99 -20.79
CA PHE A 575 22.38 -10.25 -19.84
C PHE A 575 21.21 -9.35 -20.18
N SER A 576 19.98 -9.82 -19.91
CA SER A 576 18.79 -9.00 -20.07
C SER A 576 18.79 -7.91 -19.00
N SER A 577 18.02 -6.85 -19.24
CA SER A 577 17.93 -5.71 -18.31
C SER A 577 17.48 -6.15 -16.93
N ALA A 578 16.52 -7.06 -16.90
CA ALA A 578 16.03 -7.60 -15.64
C ALA A 578 17.11 -8.42 -14.92
N ASP A 579 17.81 -9.27 -15.66
CA ASP A 579 18.90 -10.09 -15.11
C ASP A 579 20.00 -9.23 -14.49
N ARG A 580 20.38 -8.16 -15.18
CA ARG A 580 21.36 -7.20 -14.66
C ARG A 580 20.89 -6.62 -13.31
N ALA A 581 19.68 -6.06 -13.29
CA ALA A 581 19.10 -5.51 -12.06
C ALA A 581 19.12 -6.54 -10.94
N SER A 582 18.79 -7.78 -11.29
CA SER A 582 18.70 -8.89 -10.34
C SER A 582 20.06 -9.30 -9.77
N LEU A 583 21.06 -9.43 -10.63
CA LEU A 583 22.42 -9.75 -10.19
C LEU A 583 22.97 -8.66 -9.30
N ILE A 584 22.75 -7.41 -9.70
CA ILE A 584 23.19 -6.25 -8.91
C ILE A 584 22.49 -6.21 -7.56
N ASP A 585 21.18 -6.43 -7.58
CA ASP A 585 20.38 -6.38 -6.35
C ASP A 585 20.82 -7.46 -5.35
N ASP A 586 20.98 -8.68 -5.84
CA ASP A 586 21.40 -9.81 -5.01
C ASP A 586 22.78 -9.61 -4.43
N ALA A 587 23.74 -9.22 -5.26
CA ALA A 587 25.11 -8.99 -4.83
C ALA A 587 25.19 -8.00 -3.69
N PHE A 588 24.47 -6.88 -3.83
CA PHE A 588 24.51 -5.84 -2.81
C PHE A 588 23.78 -6.22 -1.54
N ALA A 589 22.69 -6.96 -1.67
CA ALA A 589 21.99 -7.48 -0.49
C ALA A 589 22.84 -8.55 0.22
N LEU A 590 23.53 -9.37 -0.57
CA LEU A 590 24.46 -10.38 -0.06
C LEU A 590 25.64 -9.73 0.66
N ALA A 591 26.16 -8.64 0.11
CA ALA A 591 27.24 -7.91 0.75
C ALA A 591 26.75 -7.28 2.05
N ARG A 592 25.55 -6.71 1.99
CA ARG A 592 24.91 -6.12 3.17
C ARG A 592 24.78 -7.16 4.29
N ALA A 593 24.45 -8.40 3.91
CA ALA A 593 24.25 -9.51 4.84
C ALA A 593 25.54 -10.23 5.28
N GLN A 594 26.68 -9.73 4.83
CA GLN A 594 27.98 -10.36 5.08
C GLN A 594 28.05 -11.78 4.54
N LEU A 595 27.52 -11.97 3.34
CA LEU A 595 27.53 -13.27 2.69
C LEU A 595 28.38 -13.22 1.42
N LEU A 596 28.81 -12.00 1.08
CA LEU A 596 29.62 -11.73 -0.09
C LEU A 596 30.44 -10.48 0.15
N ASP A 597 31.71 -10.53 -0.23
CA ASP A 597 32.63 -9.43 0.00
C ASP A 597 32.20 -8.23 -0.82
N TYR A 598 32.17 -7.05 -0.18
CA TYR A 598 31.74 -5.83 -0.84
C TYR A 598 32.52 -5.49 -2.10
N LYS A 599 33.80 -5.82 -2.14
CA LYS A 599 34.63 -5.57 -3.33
C LYS A 599 34.02 -6.29 -4.54
N VAL A 600 33.53 -7.51 -4.33
CA VAL A 600 32.88 -8.30 -5.36
C VAL A 600 31.59 -7.63 -5.86
N ALA A 601 30.78 -7.15 -4.92
CA ALA A 601 29.58 -6.41 -5.27
C ALA A 601 29.91 -5.11 -6.02
N LEU A 602 30.84 -4.32 -5.49
CA LEU A 602 31.15 -3.03 -6.09
C LEU A 602 31.72 -3.19 -7.50
N ASN A 603 32.48 -4.27 -7.71
CA ASN A 603 33.04 -4.62 -9.01
C ASN A 603 31.97 -4.71 -10.11
N LEU A 604 30.76 -5.12 -9.74
CA LEU A 604 29.64 -5.14 -10.67
C LEU A 604 29.17 -3.76 -11.16
N THR A 605 29.61 -2.69 -10.51
CA THR A 605 29.17 -1.34 -10.89
C THR A 605 30.09 -0.67 -11.91
N LYS A 606 31.22 -1.31 -12.20
CA LYS A 606 32.28 -0.73 -13.02
C LYS A 606 31.85 -0.43 -14.46
N TYR A 607 30.95 -1.25 -14.99
CA TYR A 607 30.53 -1.13 -16.38
C TYR A 607 29.54 0.02 -16.60
N LEU A 608 29.02 0.59 -15.51
CA LEU A 608 27.81 1.43 -15.58
C LEU A 608 27.84 2.60 -16.57
N LYS A 609 29.02 3.10 -16.92
CA LYS A 609 29.10 4.21 -17.89
C LYS A 609 28.41 3.88 -19.19
N ARG A 610 28.18 2.58 -19.42
CA ARG A 610 27.52 2.10 -20.62
C ARG A 610 26.10 1.56 -20.36
N GLU A 611 25.67 1.58 -19.10
CA GLU A 611 24.31 1.16 -18.76
C GLU A 611 23.30 2.19 -19.26
N GLU A 612 22.26 1.70 -19.93
CA GLU A 612 21.24 2.56 -20.55
C GLU A 612 19.81 2.16 -20.21
N ASN A 613 19.64 1.07 -19.44
CA ASN A 613 18.30 0.56 -19.15
C ASN A 613 17.78 0.94 -17.79
N PHE A 614 16.45 1.05 -17.72
CA PHE A 614 15.77 1.53 -16.53
C PHE A 614 15.96 0.63 -15.31
N LEU A 615 15.65 -0.66 -15.45
CA LEU A 615 15.69 -1.60 -14.33
C LEU A 615 17.03 -1.68 -13.60
N PRO A 616 18.14 -1.89 -14.33
CA PRO A 616 19.40 -1.91 -13.59
C PRO A 616 19.77 -0.57 -12.94
N TRP A 617 19.48 0.56 -13.58
CA TRP A 617 19.77 1.84 -12.96
C TRP A 617 18.99 2.02 -11.67
N GLN A 618 17.76 1.54 -11.63
CA GLN A 618 16.92 1.69 -10.45
C GLN A 618 17.47 0.92 -9.27
N ARG A 619 17.92 -0.30 -9.51
CA ARG A 619 18.44 -1.13 -8.43
C ARG A 619 19.85 -0.75 -8.00
N VAL A 620 20.62 -0.18 -8.92
CA VAL A 620 21.90 0.43 -8.59
C VAL A 620 21.66 1.63 -7.67
N ILE A 621 20.79 2.53 -8.09
CA ILE A 621 20.45 3.72 -7.29
C ILE A 621 19.93 3.35 -5.90
N SER A 622 19.09 2.33 -5.83
CA SER A 622 18.61 1.85 -4.53
C SER A 622 19.79 1.41 -3.63
N ALA A 623 20.69 0.58 -4.18
CA ALA A 623 21.83 0.07 -3.41
C ALA A 623 22.80 1.16 -2.97
N VAL A 624 23.08 2.10 -3.88
CA VAL A 624 23.98 3.21 -3.60
C VAL A 624 23.38 4.18 -2.57
N THR A 625 22.09 4.44 -2.71
CA THR A 625 21.42 5.31 -1.78
C THR A 625 21.64 4.82 -0.35
N TYR A 626 21.48 3.51 -0.12
CA TYR A 626 21.75 2.99 1.23
C TYR A 626 23.20 3.27 1.67
N ILE A 627 24.16 2.92 0.83
CA ILE A 627 25.60 3.03 1.18
C ILE A 627 26.05 4.48 1.40
N ILE A 628 25.68 5.36 0.46
CA ILE A 628 25.88 6.81 0.61
C ILE A 628 25.26 7.33 1.91
N SER A 629 24.07 6.84 2.21
CA SER A 629 23.33 7.23 3.43
C SER A 629 24.11 6.89 4.71
N MET A 630 24.73 5.71 4.72
CA MET A 630 25.50 5.27 5.87
C MET A 630 26.80 6.05 6.08
N PHE A 631 27.27 6.72 5.03
CA PHE A 631 28.54 7.47 5.09
C PHE A 631 28.37 8.98 4.99
N GLU A 632 27.14 9.46 5.08
CA GLU A 632 26.84 10.89 4.98
C GLU A 632 27.77 11.78 5.78
N ASP A 633 28.01 11.44 7.04
CA ASP A 633 28.87 12.26 7.90
C ASP A 633 30.36 11.89 7.83
N ASP A 634 30.70 10.94 6.96
CA ASP A 634 32.08 10.48 6.84
C ASP A 634 32.83 11.29 5.77
N LYS A 635 33.54 12.33 6.23
CA LYS A 635 34.28 13.23 5.34
C LYS A 635 35.33 12.51 4.50
N GLU A 636 35.72 11.31 4.94
CA GLU A 636 36.71 10.51 4.25
C GLU A 636 36.08 9.74 3.09
N LEU A 637 35.05 8.95 3.41
CA LEU A 637 34.46 8.06 2.43
C LEU A 637 33.53 8.74 1.44
N TYR A 638 32.75 9.69 1.92
CA TYR A 638 31.65 10.26 1.15
C TYR A 638 32.06 10.89 -0.16
N PRO A 639 33.03 11.83 -0.15
CA PRO A 639 33.45 12.47 -1.40
C PRO A 639 33.87 11.46 -2.46
N MET A 640 34.47 10.35 -2.03
CA MET A 640 34.93 9.30 -2.95
C MET A 640 33.78 8.50 -3.56
N ILE A 641 32.77 8.19 -2.74
CA ILE A 641 31.61 7.45 -3.21
C ILE A 641 30.84 8.36 -4.16
N GLU A 642 30.74 9.64 -3.79
CA GLU A 642 30.10 10.66 -4.60
C GLU A 642 30.79 10.78 -5.96
N GLU A 643 32.10 11.04 -5.93
CA GLU A 643 32.90 11.26 -7.15
C GLU A 643 32.78 10.09 -8.13
N TYR A 644 32.90 8.87 -7.60
CA TYR A 644 32.77 7.67 -8.41
C TYR A 644 31.39 7.58 -9.05
N PHE A 645 30.33 7.54 -8.25
CA PHE A 645 28.97 7.34 -8.81
C PHE A 645 28.51 8.48 -9.68
N GLN A 646 29.06 9.67 -9.43
CA GLN A 646 28.83 10.82 -10.28
C GLN A 646 29.38 10.51 -11.68
N GLY A 647 30.59 9.98 -11.72
CA GLY A 647 31.22 9.58 -12.98
C GLY A 647 30.48 8.47 -13.70
N GLN A 648 29.89 7.55 -12.95
CA GLN A 648 29.17 6.42 -13.54
C GLN A 648 27.85 6.81 -14.21
N VAL A 649 27.06 7.71 -13.61
CA VAL A 649 25.79 8.17 -14.23
C VAL A 649 25.92 9.29 -15.24
N LYS A 650 27.03 10.03 -15.17
N LYS A 650 27.03 10.03 -15.18
CA LYS A 650 27.22 11.21 -16.01
CA LYS A 650 27.15 11.23 -16.02
C LYS A 650 26.85 10.96 -17.49
C LYS A 650 26.88 11.00 -17.52
N PRO A 651 27.39 9.89 -18.10
CA PRO A 651 27.09 9.65 -19.54
C PRO A 651 25.59 9.50 -19.85
N ILE A 652 24.86 8.72 -19.07
CA ILE A 652 23.45 8.48 -19.35
C ILE A 652 22.62 9.73 -19.03
N ALA A 653 22.99 10.43 -17.95
CA ALA A 653 22.33 11.69 -17.60
C ALA A 653 22.54 12.73 -18.69
N ASP A 654 23.77 12.84 -19.17
CA ASP A 654 24.08 13.75 -20.28
C ASP A 654 23.35 13.37 -21.55
N SER A 655 23.37 12.09 -21.89
CA SER A 655 22.74 11.55 -23.12
C SER A 655 21.22 11.84 -23.23
N LEU A 656 20.52 11.73 -22.10
CA LEU A 656 19.08 11.93 -22.07
C LEU A 656 18.71 13.41 -21.93
N GLY A 657 19.55 14.17 -21.22
CA GLY A 657 19.40 15.64 -21.13
C GLY A 657 18.21 16.14 -20.32
N TRP A 658 18.07 17.45 -20.21
CA TRP A 658 16.96 18.04 -19.46
C TRP A 658 15.80 18.42 -20.37
N ASN A 659 15.10 17.40 -20.90
CA ASN A 659 13.94 17.60 -21.77
C ASN A 659 13.08 16.33 -21.91
N ASP A 660 11.76 16.50 -21.84
CA ASP A 660 10.82 15.38 -21.95
C ASP A 660 10.72 14.75 -23.33
N ALA A 661 11.71 13.94 -23.71
CA ALA A 661 11.68 13.26 -25.00
C ALA A 661 11.80 11.75 -24.84
N GLY A 662 11.07 11.01 -25.66
CA GLY A 662 11.18 9.55 -25.65
C GLY A 662 9.93 8.87 -25.13
N ASP A 663 9.95 7.54 -25.09
CA ASP A 663 8.80 6.75 -24.62
C ASP A 663 8.67 6.77 -23.09
N HIS A 664 7.65 6.10 -22.57
CA HIS A 664 7.32 6.13 -21.15
C HIS A 664 8.54 5.81 -20.28
N VAL A 665 9.14 4.65 -20.52
CA VAL A 665 10.21 4.11 -19.70
C VAL A 665 11.46 4.99 -19.73
N THR A 666 11.76 5.55 -20.90
CA THR A 666 12.89 6.45 -21.09
C THR A 666 12.71 7.67 -20.21
N LYS A 667 11.49 8.20 -20.17
CA LYS A 667 11.21 9.39 -19.39
C LYS A 667 11.33 9.12 -17.89
N LEU A 668 10.87 7.94 -17.46
CA LEU A 668 11.08 7.48 -16.10
C LEU A 668 12.57 7.38 -15.78
N LEU A 669 13.34 6.83 -16.73
CA LEU A 669 14.79 6.68 -16.57
C LEU A 669 15.46 8.04 -16.42
N ARG A 670 15.10 8.98 -17.30
CA ARG A 670 15.68 10.33 -17.24
C ARG A 670 15.47 10.95 -15.89
N SER A 671 14.24 10.86 -15.36
CA SER A 671 13.94 11.33 -14.03
C SER A 671 14.90 10.76 -12.99
N SER A 672 14.96 9.44 -12.87
CA SER A 672 15.73 8.89 -11.77
C SER A 672 17.23 9.08 -11.98
N VAL A 673 17.64 9.06 -13.24
CA VAL A 673 19.06 9.24 -13.56
C VAL A 673 19.56 10.68 -13.32
N LEU A 674 18.74 11.67 -13.70
CA LEU A 674 19.05 13.08 -13.41
C LEU A 674 18.98 13.37 -11.92
N GLY A 675 18.04 12.72 -11.23
CA GLY A 675 17.89 12.85 -9.78
C GLY A 675 19.13 12.35 -9.07
N PHE A 676 19.61 11.17 -9.48
CA PHE A 676 20.81 10.56 -8.92
C PHE A 676 22.04 11.43 -9.19
N ALA A 677 22.15 11.97 -10.41
CA ALA A 677 23.20 12.92 -10.77
C ALA A 677 23.22 14.10 -9.81
N CYS A 678 22.05 14.71 -9.59
CA CYS A 678 21.91 15.79 -8.62
C CYS A 678 22.30 15.33 -7.22
N LYS A 679 21.82 14.16 -6.83
CA LYS A 679 22.11 13.65 -5.49
C LYS A 679 23.61 13.48 -5.30
N MET A 680 24.28 13.02 -6.35
CA MET A 680 25.72 12.79 -6.31
C MET A 680 26.53 14.07 -6.48
N GLY A 681 25.86 15.21 -6.63
CA GLY A 681 26.55 16.49 -6.64
C GLY A 681 27.18 16.95 -7.96
N ASP A 682 26.76 16.33 -9.06
CA ASP A 682 27.11 16.80 -10.42
C ASP A 682 26.74 18.28 -10.54
N ARG A 683 27.76 19.13 -10.71
CA ARG A 683 27.55 20.59 -10.71
C ARG A 683 26.65 21.05 -11.84
N GLU A 684 26.76 20.36 -12.99
CA GLU A 684 26.02 20.74 -14.19
C GLU A 684 24.54 20.36 -14.11
N ALA A 685 24.26 19.21 -13.50
CA ALA A 685 22.89 18.77 -13.26
C ALA A 685 22.23 19.70 -12.24
N LEU A 686 22.99 20.05 -11.20
CA LEU A 686 22.50 21.00 -10.18
C LEU A 686 22.25 22.38 -10.80
N ASN A 687 23.15 22.80 -11.68
CA ASN A 687 22.98 24.06 -12.41
C ASN A 687 21.74 24.10 -13.32
N ASN A 688 21.44 22.97 -13.96
CA ASN A 688 20.21 22.85 -14.72
C ASN A 688 18.99 23.00 -13.81
N ALA A 689 19.04 22.34 -12.66
CA ALA A 689 17.95 22.44 -11.68
C ALA A 689 17.75 23.89 -11.26
N SER A 690 18.83 24.54 -10.81
CA SER A 690 18.76 25.94 -10.39
C SER A 690 18.27 26.88 -11.48
N SER A 691 18.80 26.72 -12.70
CA SER A 691 18.40 27.52 -13.84
C SER A 691 16.88 27.42 -14.11
N LEU A 692 16.36 26.19 -14.20
CA LEU A 692 14.93 25.97 -14.46
C LEU A 692 14.07 26.49 -13.29
N PHE A 693 14.55 26.27 -12.06
CA PHE A 693 13.89 26.78 -10.89
C PHE A 693 13.75 28.30 -10.95
N GLU A 694 14.86 29.00 -11.19
CA GLU A 694 14.86 30.46 -11.38
C GLU A 694 13.84 30.91 -12.45
N GLN A 695 13.75 30.16 -13.55
CA GLN A 695 12.78 30.46 -14.60
C GLN A 695 11.35 30.23 -14.12
N TRP A 696 11.15 29.17 -13.34
CA TRP A 696 9.83 28.83 -12.86
C TRP A 696 9.32 29.90 -11.88
N LEU A 697 10.24 30.43 -11.08
CA LEU A 697 9.95 31.56 -10.20
C LEU A 697 9.50 32.82 -10.94
N ASN A 698 9.88 32.95 -12.22
CA ASN A 698 9.43 34.09 -13.03
C ASN A 698 7.94 34.03 -13.39
N GLY A 699 7.30 32.90 -13.08
CA GLY A 699 5.84 32.81 -13.07
C GLY A 699 5.13 32.44 -14.36
N THR A 700 5.88 32.38 -15.45
CA THR A 700 5.33 32.11 -16.78
C THR A 700 5.62 30.67 -17.20
N VAL A 701 6.90 30.31 -17.13
CA VAL A 701 7.41 29.09 -17.74
C VAL A 701 6.87 27.85 -17.04
N SER A 702 6.16 27.02 -17.80
CA SER A 702 5.66 25.74 -17.31
C SER A 702 6.74 24.67 -17.50
N LEU A 703 7.29 24.15 -16.40
CA LEU A 703 8.40 23.19 -16.46
C LEU A 703 8.02 21.89 -17.16
N PRO A 704 8.98 21.28 -17.91
CA PRO A 704 8.74 19.94 -18.44
C PRO A 704 8.31 19.00 -17.32
N VAL A 705 7.21 18.29 -17.57
CA VAL A 705 6.52 17.56 -16.51
C VAL A 705 7.37 16.53 -15.80
N ASN A 706 8.24 15.83 -16.51
CA ASN A 706 9.04 14.82 -15.85
C ASN A 706 10.29 15.35 -15.15
N LEU A 707 10.51 16.66 -15.25
CA LEU A 707 11.64 17.31 -14.60
C LEU A 707 11.25 18.14 -13.36
N ARG A 708 9.96 18.45 -13.23
CA ARG A 708 9.44 19.35 -12.18
C ARG A 708 9.88 19.03 -10.76
N LEU A 709 9.62 17.79 -10.35
CA LEU A 709 9.93 17.41 -8.98
C LEU A 709 11.41 17.67 -8.70
N LEU A 710 12.27 17.29 -9.65
CA LEU A 710 13.72 17.48 -9.47
C LEU A 710 14.05 18.94 -9.38
N VAL A 711 13.42 19.75 -10.22
CA VAL A 711 13.66 21.17 -10.22
C VAL A 711 13.22 21.82 -8.90
N TYR A 712 12.05 21.42 -8.38
CA TYR A 712 11.57 22.01 -7.10
C TYR A 712 12.51 21.63 -5.99
N ARG A 713 12.89 20.37 -5.96
CA ARG A 713 13.77 19.84 -4.92
C ARG A 713 15.16 20.47 -4.93
N TYR A 714 15.91 20.25 -6.02
CA TYR A 714 17.30 20.67 -6.10
C TYR A 714 17.41 22.17 -6.32
N GLY A 715 16.41 22.73 -7.01
CA GLY A 715 16.30 24.18 -7.14
C GLY A 715 16.14 24.86 -5.79
N MET A 716 15.19 24.37 -4.99
CA MET A 716 15.01 24.95 -3.66
C MET A 716 16.24 24.67 -2.80
N GLN A 717 16.76 23.46 -2.87
CA GLN A 717 17.90 23.11 -2.04
C GLN A 717 19.13 23.99 -2.33
N ASN A 718 19.36 24.28 -3.61
CA ASN A 718 20.56 25.02 -4.00
C ASN A 718 20.44 26.52 -4.05
N SER A 719 19.23 27.05 -4.29
CA SER A 719 19.08 28.50 -4.39
C SER A 719 17.79 29.06 -3.76
N GLY A 720 17.12 28.25 -2.95
CA GLY A 720 15.90 28.68 -2.29
C GLY A 720 16.23 29.61 -1.15
N ASN A 721 15.32 30.56 -0.89
CA ASN A 721 15.43 31.49 0.23
C ASN A 721 14.01 31.83 0.65
N GLU A 722 13.84 32.76 1.60
CA GLU A 722 12.50 33.08 2.09
C GLU A 722 11.56 33.52 0.98
N ILE A 723 12.04 34.38 0.08
CA ILE A 723 11.21 34.88 -1.01
C ILE A 723 10.69 33.74 -1.88
N SER A 724 11.57 32.84 -2.30
CA SER A 724 11.12 31.75 -3.18
C SER A 724 10.37 30.66 -2.43
N TRP A 725 10.69 30.49 -1.14
CA TRP A 725 9.93 29.59 -0.28
C TRP A 725 8.47 30.08 -0.15
N ASN A 726 8.28 31.36 0.18
CA ASN A 726 6.95 31.96 0.27
C ASN A 726 6.20 31.88 -1.05
N TYR A 727 6.91 32.08 -2.15
CA TYR A 727 6.29 31.99 -3.46
C TYR A 727 5.78 30.58 -3.70
N THR A 728 6.62 29.60 -3.41
CA THR A 728 6.31 28.19 -3.63
C THR A 728 5.11 27.78 -2.76
N LEU A 729 5.07 28.29 -1.53
CA LEU A 729 3.95 28.05 -0.62
C LEU A 729 2.64 28.61 -1.22
N GLU A 730 2.67 29.83 -1.75
CA GLU A 730 1.51 30.39 -2.45
C GLU A 730 1.05 29.56 -3.65
N GLN A 731 2.01 29.09 -4.45
CA GLN A 731 1.72 28.29 -5.64
C GLN A 731 1.07 26.98 -5.25
N TYR A 732 1.56 26.39 -4.16
CA TYR A 732 1.00 25.16 -3.63
C TYR A 732 -0.50 25.38 -3.29
N GLN A 733 -0.80 26.49 -2.63
CA GLN A 733 -2.19 26.82 -2.29
C GLN A 733 -3.06 27.03 -3.54
N LYS A 734 -2.50 27.70 -4.55
CA LYS A 734 -3.26 28.13 -5.72
C LYS A 734 -3.55 27.04 -6.73
N THR A 735 -2.68 26.03 -6.86
CA THR A 735 -2.92 24.97 -7.84
C THR A 735 -4.01 23.99 -7.40
N SER A 736 -4.90 23.61 -8.32
CA SER A 736 -5.97 22.66 -7.99
C SER A 736 -5.50 21.22 -8.11
N LEU A 737 -4.43 21.01 -8.88
CA LEU A 737 -3.95 19.66 -9.16
C LEU A 737 -3.19 19.10 -7.96
N ALA A 738 -3.72 18.03 -7.38
CA ALA A 738 -3.09 17.43 -6.20
C ALA A 738 -1.66 16.89 -6.49
N GLN A 739 -1.46 16.35 -7.69
CA GLN A 739 -0.14 15.83 -8.07
C GLN A 739 0.92 16.94 -8.10
N GLU A 740 0.54 18.13 -8.55
CA GLU A 740 1.43 19.30 -8.48
C GLU A 740 1.65 19.75 -7.03
N LYS A 741 0.57 19.84 -6.25
CA LYS A 741 0.65 20.22 -4.83
C LYS A 741 1.70 19.38 -4.12
N GLU A 742 1.61 18.07 -4.33
CA GLU A 742 2.52 17.14 -3.67
C GLU A 742 3.99 17.41 -4.02
N LYS A 743 4.25 17.78 -5.27
CA LYS A 743 5.63 18.05 -5.69
C LYS A 743 6.14 19.32 -5.00
N LEU A 744 5.22 20.28 -4.83
CA LEU A 744 5.56 21.57 -4.27
C LEU A 744 5.85 21.42 -2.78
N LEU A 745 5.11 20.53 -2.12
CA LEU A 745 5.40 20.16 -0.74
C LEU A 745 6.82 19.56 -0.58
N TYR A 746 7.23 18.72 -1.52
CA TYR A 746 8.58 18.16 -1.51
C TYR A 746 9.60 19.29 -1.73
N GLY A 747 9.38 20.13 -2.73
CA GLY A 747 10.14 21.39 -2.89
C GLY A 747 10.29 22.21 -1.60
N LEU A 748 9.16 22.49 -0.93
CA LEU A 748 9.19 23.27 0.29
C LEU A 748 10.02 22.59 1.38
N ALA A 749 10.00 21.25 1.41
CA ALA A 749 10.77 20.48 2.39
C ALA A 749 12.27 20.43 2.08
N SER A 750 12.67 20.98 0.93
CA SER A 750 14.04 20.88 0.45
C SER A 750 14.94 22.08 0.80
N VAL A 751 14.35 23.16 1.30
CA VAL A 751 15.13 24.37 1.62
C VAL A 751 16.15 24.07 2.72
N LYS A 752 17.37 24.61 2.55
CA LYS A 752 18.42 24.43 3.54
C LYS A 752 18.34 25.58 4.54
N ASN A 753 17.28 25.59 5.34
CA ASN A 753 17.01 26.67 6.27
C ASN A 753 16.18 26.18 7.46
N VAL A 754 16.76 26.24 8.64
CA VAL A 754 16.13 25.75 9.86
C VAL A 754 14.85 26.54 10.22
N THR A 755 14.92 27.87 10.12
CA THR A 755 13.78 28.77 10.36
C THR A 755 12.60 28.45 9.45
N LEU A 756 12.86 28.20 8.17
CA LEU A 756 11.81 27.94 7.20
C LEU A 756 11.25 26.54 7.40
N LEU A 757 12.11 25.59 7.77
CA LEU A 757 11.62 24.24 8.02
C LEU A 757 10.78 24.21 9.31
N SER A 758 11.14 25.05 10.27
CA SER A 758 10.37 25.23 11.49
C SER A 758 8.97 25.79 11.20
N ARG A 759 8.88 26.81 10.36
CA ARG A 759 7.58 27.35 9.93
C ARG A 759 6.75 26.27 9.28
N TYR A 760 7.42 25.42 8.49
CA TYR A 760 6.77 24.35 7.76
C TYR A 760 6.17 23.33 8.74
N LEU A 761 6.96 22.96 9.74
CA LEU A 761 6.50 22.01 10.74
C LEU A 761 5.25 22.55 11.49
N ASP A 762 5.28 23.84 11.85
CA ASP A 762 4.14 24.49 12.50
C ASP A 762 2.87 24.45 11.66
N LEU A 763 3.02 24.57 10.34
CA LEU A 763 1.89 24.48 9.40
C LEU A 763 1.15 23.16 9.45
N LEU A 764 1.82 22.12 9.93
CA LEU A 764 1.18 20.81 10.06
C LEU A 764 -0.05 20.83 10.99
N LYS A 765 -0.08 21.79 11.92
CA LYS A 765 -1.20 21.91 12.85
C LYS A 765 -2.32 22.78 12.28
N ASP A 766 -2.09 23.31 11.08
CA ASP A 766 -3.05 24.20 10.44
C ASP A 766 -3.75 23.51 9.27
N THR A 767 -4.98 23.07 9.53
CA THR A 767 -5.79 22.32 8.59
C THR A 767 -6.32 23.15 7.42
N ASN A 768 -6.15 24.47 7.49
CA ASN A 768 -6.43 25.32 6.34
C ASN A 768 -5.29 25.29 5.31
N LEU A 769 -4.10 24.86 5.75
CA LEU A 769 -2.91 24.84 4.89
C LEU A 769 -2.51 23.44 4.44
N ILE A 770 -2.32 22.55 5.41
CA ILE A 770 -1.97 21.16 5.12
C ILE A 770 -3.16 20.28 5.44
N LYS A 771 -3.60 19.51 4.47
CA LYS A 771 -4.67 18.56 4.68
C LYS A 771 -4.24 17.42 5.59
N THR A 772 -5.20 16.93 6.39
CA THR A 772 -5.01 15.79 7.30
C THR A 772 -4.37 14.58 6.61
N GLN A 773 -4.76 14.34 5.36
CA GLN A 773 -4.22 13.24 4.56
C GLN A 773 -2.73 13.38 4.25
N ASP A 774 -2.21 14.61 4.33
CA ASP A 774 -0.87 14.94 3.83
C ASP A 774 0.18 15.17 4.92
N VAL A 775 -0.26 15.13 6.18
CA VAL A 775 0.63 15.45 7.29
C VAL A 775 1.82 14.50 7.34
N PHE A 776 1.58 13.20 7.21
CA PHE A 776 2.67 12.24 7.32
C PHE A 776 3.62 12.25 6.13
N THR A 777 3.05 12.54 4.96
CA THR A 777 3.83 12.77 3.77
C THR A 777 4.82 13.93 3.99
N VAL A 778 4.31 15.04 4.51
CA VAL A 778 5.18 16.19 4.76
C VAL A 778 6.27 15.89 5.80
N ILE A 779 5.90 15.24 6.89
CA ILE A 779 6.88 14.89 7.92
C ILE A 779 8.03 14.07 7.29
N ARG A 780 7.66 13.15 6.42
CA ARG A 780 8.61 12.26 5.78
C ARG A 780 9.53 13.06 4.84
N TYR A 781 8.96 13.98 4.05
CA TYR A 781 9.74 14.83 3.17
C TYR A 781 10.78 15.63 3.97
N ILE A 782 10.34 16.26 5.05
CA ILE A 782 11.20 17.03 5.91
C ILE A 782 12.33 16.15 6.48
N SER A 783 12.00 14.90 6.83
CA SER A 783 13.01 13.98 7.35
C SER A 783 14.13 13.67 6.33
N TYR A 784 13.85 13.84 5.03
CA TYR A 784 14.88 13.61 4.00
C TYR A 784 15.88 14.77 3.91
N ASN A 785 15.52 15.92 4.46
CA ASN A 785 16.35 17.12 4.42
C ASN A 785 17.53 16.94 5.38
N SER A 786 18.72 17.32 4.96
CA SER A 786 19.90 17.15 5.81
C SER A 786 19.76 17.77 7.19
N TYR A 787 19.03 18.88 7.30
CA TYR A 787 18.70 19.45 8.63
C TYR A 787 17.47 18.77 9.20
N GLY A 788 16.48 18.58 8.34
CA GLY A 788 15.19 18.03 8.70
C GLY A 788 15.17 16.59 9.16
N LYS A 789 16.23 15.81 8.85
CA LYS A 789 16.30 14.44 9.34
C LYS A 789 16.03 14.47 10.85
N ASN A 790 16.78 15.33 11.55
CA ASN A 790 16.60 15.42 12.97
C ASN A 790 15.41 16.30 13.41
N MET A 791 15.04 17.27 12.59
CA MET A 791 13.94 18.14 12.94
C MET A 791 12.61 17.40 12.97
N ALA A 792 12.34 16.59 11.95
CA ALA A 792 11.13 15.81 11.84
C ALA A 792 11.03 14.80 12.99
N TRP A 793 12.14 14.13 13.24
CA TRP A 793 12.27 13.16 14.31
C TRP A 793 12.00 13.83 15.66
N ASN A 794 12.54 15.02 15.86
CA ASN A 794 12.33 15.74 17.10
C ASN A 794 10.89 16.25 17.23
N TRP A 795 10.33 16.72 16.13
CA TRP A 795 8.96 17.23 16.12
C TRP A 795 7.93 16.15 16.47
N ILE A 796 8.05 14.96 15.90
CA ILE A 796 7.09 13.87 16.21
C ILE A 796 7.20 13.45 17.68
N GLN A 797 8.38 13.62 18.28
CA GLN A 797 8.51 13.32 19.70
C GLN A 797 7.82 14.37 20.55
N LEU A 798 8.12 15.65 20.29
CA LEU A 798 7.56 16.75 21.04
C LEU A 798 6.03 16.79 20.90
N ASN A 799 5.54 16.38 19.74
CA ASN A 799 4.13 16.47 19.41
C ASN A 799 3.44 15.11 19.33
N TRP A 800 4.02 14.10 19.98
CA TRP A 800 3.44 12.78 19.96
C TRP A 800 2.00 12.71 20.54
N ASP A 801 1.76 13.30 21.71
CA ASP A 801 0.41 13.32 22.29
C ASP A 801 -0.61 13.98 21.36
N TYR A 802 -0.22 15.13 20.79
CA TYR A 802 -1.00 15.81 19.77
C TYR A 802 -1.33 14.90 18.57
N LEU A 803 -0.36 14.13 18.08
CA LEU A 803 -0.62 13.29 16.91
C LEU A 803 -1.54 12.14 17.25
N VAL A 804 -1.33 11.55 18.42
CA VAL A 804 -2.14 10.43 18.86
C VAL A 804 -3.60 10.89 19.03
N ASN A 805 -3.79 12.05 19.65
CA ASN A 805 -5.12 12.60 19.88
C ASN A 805 -5.81 12.87 18.55
N ARG A 806 -5.04 13.37 17.58
CA ARG A 806 -5.57 13.73 16.27
C ARG A 806 -5.89 12.50 15.39
N TYR A 807 -5.00 11.51 15.40
CA TYR A 807 -5.13 10.34 14.51
C TYR A 807 -5.60 9.05 15.16
N THR A 808 -5.37 8.92 16.48
CA THR A 808 -5.58 7.66 17.24
C THR A 808 -4.50 6.61 16.92
N LEU A 809 -4.19 5.78 17.92
CA LEU A 809 -3.21 4.71 17.81
C LEU A 809 -3.61 3.63 16.82
N ASN A 810 -4.86 3.67 16.36
CA ASN A 810 -5.32 2.74 15.33
C ASN A 810 -4.94 3.19 13.94
N ASN A 811 -4.41 4.41 13.81
CA ASN A 811 -4.03 4.94 12.50
C ASN A 811 -2.70 4.37 12.03
N ARG A 812 -2.75 3.68 10.90
CA ARG A 812 -1.62 2.95 10.31
C ARG A 812 -0.48 3.91 9.96
N ASN A 813 -0.79 5.00 9.27
CA ASN A 813 0.22 5.98 8.86
C ASN A 813 0.94 6.60 10.05
N LEU A 814 0.20 6.83 11.14
CA LEU A 814 0.83 7.32 12.36
C LEU A 814 1.74 6.26 12.97
N GLY A 815 1.31 4.99 12.96
CA GLY A 815 2.15 3.90 13.45
C GLY A 815 3.48 3.84 12.69
N ARG A 816 3.41 4.05 11.38
CA ARG A 816 4.56 3.93 10.51
C ARG A 816 5.51 5.14 10.52
N ILE A 817 5.10 6.27 11.10
CA ILE A 817 5.92 7.49 10.97
C ILE A 817 7.32 7.34 11.60
N VAL A 818 7.47 6.43 12.56
CA VAL A 818 8.76 6.19 13.21
C VAL A 818 9.82 5.68 12.22
N THR A 819 9.39 5.19 11.05
CA THR A 819 10.37 4.73 10.05
C THR A 819 11.18 5.88 9.42
N ILE A 820 10.88 7.12 9.80
CA ILE A 820 11.75 8.24 9.39
C ILE A 820 13.12 8.11 10.05
N ALA A 821 13.22 7.20 11.02
CA ALA A 821 14.43 6.94 11.76
C ALA A 821 15.31 5.86 11.09
N GLU A 822 14.85 5.30 9.97
CA GLU A 822 15.62 4.27 9.22
C GLU A 822 17.11 4.60 8.94
N PRO A 823 17.42 5.85 8.53
CA PRO A 823 18.83 6.16 8.25
C PRO A 823 19.72 6.23 9.48
N PHE A 824 19.16 6.09 10.68
CA PHE A 824 19.98 6.23 11.88
C PHE A 824 20.98 5.07 11.98
N ASN A 825 22.19 5.39 12.46
CA ASN A 825 23.29 4.45 12.40
C ASN A 825 24.34 4.57 13.51
N THR A 826 23.98 5.23 14.61
CA THR A 826 24.85 5.30 15.79
C THR A 826 24.16 4.74 17.04
N GLU A 827 24.96 4.35 18.03
CA GLU A 827 24.45 3.94 19.32
C GLU A 827 23.65 5.07 19.99
N LEU A 828 24.06 6.30 19.76
CA LEU A 828 23.40 7.47 20.35
C LEU A 828 21.97 7.58 19.81
N GLN A 829 21.82 7.43 18.49
CA GLN A 829 20.51 7.55 17.87
C GLN A 829 19.58 6.41 18.28
N LEU A 830 20.12 5.20 18.35
CA LEU A 830 19.39 4.04 18.81
C LEU A 830 18.88 4.24 20.25
N TRP A 831 19.74 4.77 21.11
CA TRP A 831 19.35 5.12 22.48
C TRP A 831 18.20 6.14 22.53
N GLN A 832 18.25 7.15 21.67
CA GLN A 832 17.18 8.12 21.53
C GLN A 832 15.87 7.45 21.17
N MET A 833 15.91 6.56 20.18
CA MET A 833 14.73 5.83 19.74
C MET A 833 14.14 5.03 20.89
N GLU A 834 14.98 4.23 21.54
CA GLU A 834 14.56 3.39 22.65
C GLU A 834 14.01 4.21 23.82
N SER A 835 14.62 5.36 24.12
CA SER A 835 14.16 6.23 25.19
C SER A 835 12.77 6.78 24.87
N PHE A 836 12.57 7.17 23.61
CA PHE A 836 11.31 7.70 23.20
C PHE A 836 10.23 6.60 23.23
N PHE A 837 10.55 5.43 22.70
CA PHE A 837 9.61 4.31 22.68
C PHE A 837 9.23 3.85 24.10
N ALA A 838 10.20 3.90 25.01
CA ALA A 838 9.95 3.55 26.40
C ALA A 838 9.04 4.58 27.07
N LYS A 839 9.09 5.83 26.60
CA LYS A 839 8.28 6.87 27.21
C LYS A 839 6.84 6.76 26.72
N TYR A 840 6.65 6.34 25.47
CA TYR A 840 5.31 6.13 24.94
C TYR A 840 5.17 4.69 24.48
N PRO A 841 5.06 3.76 25.44
CA PRO A 841 5.06 2.32 25.16
C PRO A 841 3.76 1.81 24.54
N GLN A 842 2.69 2.61 24.57
CA GLN A 842 1.44 2.21 23.88
C GLN A 842 1.60 2.54 22.40
N ALA A 843 1.97 1.53 21.62
CA ALA A 843 2.39 1.76 20.24
C ALA A 843 1.25 1.65 19.23
N GLY A 844 0.22 0.88 19.59
CA GLY A 844 -0.92 0.68 18.70
C GLY A 844 -0.53 0.01 17.40
N ALA A 845 -0.95 0.62 16.29
CA ALA A 845 -0.58 0.14 14.95
C ALA A 845 0.89 0.41 14.63
N GLY A 846 1.61 1.02 15.57
CA GLY A 846 3.03 1.32 15.38
C GLY A 846 3.93 0.25 15.96
N GLU A 847 3.34 -0.79 16.53
CA GLU A 847 4.10 -1.83 17.23
C GLU A 847 5.11 -2.52 16.31
N LYS A 848 4.65 -2.98 15.15
CA LYS A 848 5.53 -3.61 14.15
C LYS A 848 6.56 -2.65 13.54
N PRO A 849 6.11 -1.48 13.03
CA PRO A 849 7.08 -0.51 12.51
C PRO A 849 8.20 -0.18 13.50
N ARG A 850 7.87 -0.07 14.79
CA ARG A 850 8.87 0.17 15.82
C ARG A 850 9.90 -0.96 15.85
N GLU A 851 9.41 -2.20 15.83
CA GLU A 851 10.27 -3.37 15.85
C GLU A 851 11.18 -3.36 14.64
N GLN A 852 10.62 -3.05 13.48
CA GLN A 852 11.37 -3.02 12.23
C GLN A 852 12.44 -1.93 12.16
N VAL A 853 12.09 -0.71 12.53
CA VAL A 853 13.07 0.39 12.51
C VAL A 853 14.18 0.18 13.54
N LEU A 854 13.86 -0.42 14.70
CA LEU A 854 14.89 -0.76 15.68
C LEU A 854 15.87 -1.79 15.09
N GLU A 855 15.34 -2.81 14.42
CA GLU A 855 16.19 -3.82 13.83
C GLU A 855 17.09 -3.21 12.75
N THR A 856 16.51 -2.34 11.91
CA THR A 856 17.23 -1.63 10.87
C THR A 856 18.36 -0.77 11.43
N VAL A 857 18.07 0.03 12.45
CA VAL A 857 19.08 0.90 13.04
C VAL A 857 20.22 0.08 13.67
N LYS A 858 19.87 -1.02 14.35
CA LYS A 858 20.87 -1.95 14.90
C LYS A 858 21.73 -2.58 13.79
N ASN A 859 21.09 -3.01 12.71
CA ASN A 859 21.83 -3.47 11.51
C ASN A 859 22.75 -2.39 10.96
N ASN A 860 22.27 -1.15 10.93
CA ASN A 860 23.10 -0.05 10.44
C ASN A 860 24.36 0.11 11.27
N ILE A 861 24.23 0.09 12.60
CA ILE A 861 25.39 0.25 13.47
C ILE A 861 26.42 -0.86 13.18
N GLU A 862 25.94 -2.09 13.10
CA GLU A 862 26.76 -3.25 12.81
C GLU A 862 27.41 -3.13 11.44
N TRP A 863 26.60 -2.75 10.46
CA TRP A 863 27.06 -2.59 9.08
C TRP A 863 28.28 -1.68 9.03
N LEU A 864 28.19 -0.52 9.69
CA LEU A 864 29.28 0.45 9.69
C LEU A 864 30.56 -0.12 10.26
N LYS A 865 30.43 -0.87 11.35
CA LYS A 865 31.55 -1.49 12.03
C LYS A 865 32.24 -2.52 11.14
N GLN A 866 31.42 -3.28 10.40
CA GLN A 866 31.91 -4.39 9.61
C GLN A 866 32.54 -3.99 8.27
N HIS A 867 32.03 -2.93 7.67
CA HIS A 867 32.32 -2.66 6.26
C HIS A 867 32.99 -1.33 5.92
N ARG A 868 33.16 -0.43 6.89
CA ARG A 868 33.75 0.88 6.58
C ARG A 868 35.12 0.73 5.91
N ASN A 869 36.01 -0.04 6.54
CA ASN A 869 37.35 -0.22 6.01
C ASN A 869 37.38 -0.84 4.63
N THR A 870 36.63 -1.94 4.44
CA THR A 870 36.56 -2.62 3.15
C THR A 870 36.08 -1.67 2.07
N ILE A 871 34.97 -0.99 2.32
CA ILE A 871 34.47 -0.06 1.32
C ILE A 871 35.43 1.11 1.05
N ARG A 872 36.07 1.62 2.10
CA ARG A 872 37.10 2.65 1.95
C ARG A 872 38.21 2.17 1.02
N GLU A 873 38.75 0.97 1.29
CA GLU A 873 39.81 0.38 0.47
C GLU A 873 39.44 0.32 -1.01
N TRP A 874 38.25 -0.21 -1.31
CA TRP A 874 37.79 -0.34 -2.69
C TRP A 874 37.83 1.01 -3.40
N PHE A 875 37.23 2.04 -2.80
CA PHE A 875 37.21 3.37 -3.41
C PHE A 875 38.57 4.05 -3.48
N PHE A 876 39.36 3.96 -2.41
CA PHE A 876 40.70 4.57 -2.39
C PHE A 876 41.59 4.00 -3.47
N ASN A 877 41.63 2.67 -3.57
CA ASN A 877 42.45 1.97 -4.56
C ASN A 877 41.99 2.20 -5.99
N LEU A 878 40.74 2.59 -6.15
CA LEU A 878 40.19 2.82 -7.48
C LEU A 878 40.47 4.25 -7.97
N LEU A 879 40.21 5.24 -7.12
CA LEU A 879 40.25 6.65 -7.50
C LEU A 879 41.68 7.21 -7.54
C1 NAG B . -16.39 17.24 16.69
C2 NAG B . -15.47 16.44 17.61
C3 NAG B . -16.03 16.33 19.04
C4 NAG B . -16.53 17.67 19.57
C5 NAG B . -17.52 18.24 18.54
C6 NAG B . -18.16 19.56 18.96
C7 NAG B . -14.16 14.53 16.85
C8 NAG B . -14.23 13.14 16.32
N2 NAG B . -15.34 15.10 17.11
O3 NAG B . -15.01 15.82 19.87
O4 NAG B . -17.11 17.48 20.84
O5 NAG B . -16.84 18.44 17.31
O6 NAG B . -17.15 20.54 19.12
O7 NAG B . -13.09 15.10 17.03
C1 NAG B . -16.43 18.24 21.88
C2 NAG B . -17.42 18.70 22.94
C3 NAG B . -16.70 19.66 23.88
C4 NAG B . -15.54 18.92 24.53
C5 NAG B . -14.63 18.26 23.49
C6 NAG B . -13.62 17.32 24.15
C7 NAG B . -19.74 18.41 22.17
C8 NAG B . -20.93 19.05 21.53
N2 NAG B . -18.64 19.24 22.36
O3 NAG B . -17.59 20.18 24.86
O4 NAG B . -14.80 19.82 25.36
O5 NAG B . -15.39 17.53 22.53
O6 NAG B . -13.17 16.34 23.25
O7 NAG B . -19.80 17.17 22.47
C1 NAG C . -8.80 8.77 -23.94
C2 NAG C . -7.62 9.71 -24.10
C3 NAG C . -7.80 10.56 -25.36
C4 NAG C . -8.06 9.70 -26.60
C5 NAG C . -9.14 8.66 -26.30
C6 NAG C . -9.25 7.62 -27.41
C7 NAG C . -6.37 10.99 -22.35
C8 NAG C . -6.51 11.49 -20.92
N2 NAG C . -7.47 10.47 -22.88
O3 NAG C . -6.65 11.35 -25.58
O4 NAG C . -8.46 10.55 -27.65
O5 NAG C . -8.85 7.97 -25.11
O6 NAG C . -9.96 6.51 -26.91
O7 NAG C . -5.31 11.14 -22.97
C1 NAG C . -7.64 10.39 -28.84
C2 NAG C . -8.36 11.04 -30.03
C3 NAG C . -7.52 11.10 -31.31
C4 NAG C . -6.04 11.41 -31.05
C5 NAG C . -5.50 10.69 -29.81
C6 NAG C . -4.11 11.19 -29.46
C7 NAG C . -9.93 9.15 -30.65
C8 NAG C . -8.83 8.22 -31.11
N2 NAG C . -9.66 10.41 -30.27
O3 NAG C . -8.05 12.09 -32.17
O4 NAG C . -5.30 11.04 -32.20
O5 NAG C . -6.34 10.92 -28.69
O6 NAG C . -4.22 12.45 -28.83
O7 NAG C . -11.10 8.75 -30.66
C1 NAG D . 37.44 -6.77 -7.81
C2 NAG D . 38.17 -6.37 -9.10
C3 NAG D . 39.69 -6.24 -8.92
C4 NAG D . 40.08 -5.49 -7.64
C5 NAG D . 39.24 -6.04 -6.47
C6 NAG D . 39.55 -5.45 -5.09
C7 NAG D . 37.21 -6.92 -11.29
C8 NAG D . 36.95 -5.47 -11.52
N2 NAG D . 37.81 -7.30 -10.16
O3 NAG D . 40.21 -5.58 -10.05
O4 NAG D . 41.50 -5.60 -7.46
O5 NAG D . 37.85 -5.90 -6.75
O6 NAG D . 39.24 -4.06 -5.05
O7 NAG D . 36.87 -7.74 -12.14
C1 NAG D . 42.15 -4.33 -7.15
C2 NAG D . 43.57 -4.55 -6.64
C3 NAG D . 44.20 -3.23 -6.19
C4 NAG D . 44.08 -2.12 -7.25
C5 NAG D . 42.65 -2.11 -7.81
C6 NAG D . 42.50 -1.13 -8.97
C7 NAG D . 43.67 -6.84 -5.79
C8 NAG D . 43.76 -7.70 -4.56
N2 NAG D . 43.62 -5.52 -5.56
O3 NAG D . 45.57 -3.46 -5.87
O4 NAG D . 44.40 -0.83 -6.71
O5 NAG D . 42.23 -3.41 -8.22
O6 NAG D . 41.03 -0.98 -9.27
O7 NAG D . 43.65 -7.34 -6.92
C1 NAG D . 45.81 -0.54 -6.64
C2 NAG D . 46.12 0.97 -6.76
C3 NAG D . 47.64 1.17 -6.67
C4 NAG D . 48.16 0.57 -5.36
C5 NAG D . 47.79 -0.91 -5.33
C6 NAG D . 48.32 -1.62 -4.08
C7 NAG D . 45.28 2.89 -8.05
C8 NAG D . 44.76 3.41 -9.37
N2 NAG D . 45.60 1.59 -7.98
O3 NAG D . 48.00 2.54 -6.75
O4 NAG D . 49.55 0.75 -5.26
O5 NAG D . 46.37 -1.03 -5.42
O6 NAG D . 47.50 -1.38 -2.96
O7 NAG D . 45.38 3.67 -7.09
C1 NAG E . 23.06 21.37 -17.94
C2 NAG E . 23.94 22.59 -18.14
C3 NAG E . 24.78 22.45 -19.43
C4 NAG E . 25.53 21.12 -19.51
C5 NAG E . 24.57 19.98 -19.21
C6 NAG E . 25.29 18.65 -19.06
C7 NAG E . 23.09 24.76 -17.35
C8 NAG E . 22.10 25.86 -17.59
N2 NAG E . 23.08 23.75 -18.22
O3 NAG E . 25.72 23.51 -19.45
O4 NAG E . 26.13 20.99 -20.81
O5 NAG E . 23.83 20.18 -18.01
O6 NAG E . 24.33 17.62 -19.12
O7 NAG E . 23.87 24.83 -16.39
C1 NAG E . 27.56 20.77 -20.81
C2 NAG E . 28.03 20.36 -22.21
C3 NAG E . 29.51 19.94 -22.18
C4 NAG E . 30.38 21.10 -21.70
C5 NAG E . 29.75 21.66 -20.39
C6 NAG E . 30.46 22.92 -19.89
C7 NAG E . 26.81 18.20 -22.63
C8 NAG E . 25.78 17.58 -23.56
N2 NAG E . 27.16 19.44 -22.95
O3 NAG E . 29.90 19.47 -23.46
O4 NAG E . 31.74 20.75 -21.44
O5 NAG E . 28.34 21.89 -20.46
O6 NAG E . 30.18 24.00 -20.75
O7 NAG E . 27.27 17.56 -21.69
C1 NAG E . 32.59 20.48 -22.59
C2 NAG E . 34.08 20.67 -22.29
C3 NAG E . 34.97 20.23 -23.47
C4 NAG E . 34.53 18.97 -24.20
C5 NAG E . 33.02 18.76 -24.25
C6 NAG E . 32.76 17.27 -24.50
C7 NAG E . 35.10 23.05 -22.46
C8 NAG E . 35.26 23.03 -23.97
N2 NAG E . 34.49 22.01 -21.83
O3 NAG E . 36.29 20.05 -23.00
O4 NAG E . 35.00 19.06 -25.54
O5 NAG E . 32.42 19.13 -23.02
O6 NAG E . 32.01 17.07 -25.69
O7 NAG E . 35.52 24.06 -21.87
C1 NAG F . 7.09 35.12 4.16
C2 NAG F . 7.28 36.63 4.40
C3 NAG F . 7.13 37.02 5.87
C4 NAG F . 5.77 36.52 6.32
C5 NAG F . 5.77 34.98 6.25
C6 NAG F . 4.44 34.38 6.71
C7 NAG F . 8.80 37.48 2.65
C8 NAG F . 10.20 37.93 2.35
N2 NAG F . 8.57 37.10 3.90
O3 NAG F . 7.23 38.42 5.99
O4 NAG F . 5.16 37.14 7.46
O5 NAG F . 6.02 34.55 4.93
O6 NAG F . 3.39 34.91 5.92
O7 NAG F . 7.96 37.46 1.75
C1 NAG F . 5.74 37.06 8.78
C2 NAG F . 4.96 38.13 9.54
C3 NAG F . 4.99 37.99 11.08
C4 NAG F . 5.00 36.55 11.58
C5 NAG F . 5.92 35.69 10.72
C6 NAG F . 5.87 34.22 11.11
C7 NAG F . 4.67 40.40 8.67
C8 NAG F . 3.24 40.06 8.35
N2 NAG F . 5.45 39.44 9.17
O3 NAG F . 3.84 38.64 11.60
O4 NAG F . 5.43 36.55 12.93
O5 NAG F . 5.52 35.79 9.36
O6 NAG F . 6.81 33.52 10.29
O7 NAG F . 5.09 41.53 8.45
C1 NAG G . 17.00 31.36 6.71
C2 NAG G . 18.29 32.19 6.63
C3 NAG G . 18.19 33.47 7.44
C4 NAG G . 16.85 34.18 7.26
C5 NAG G . 15.70 33.18 7.41
C6 NAG G . 14.34 33.82 7.15
C7 NAG G . 20.23 30.72 6.39
C8 NAG G . 21.30 29.96 7.11
N2 NAG G . 19.41 31.44 7.16
O3 NAG G . 19.27 34.32 7.07
O4 NAG G . 16.75 35.17 8.26
O5 NAG G . 15.84 32.13 6.49
O6 NAG G . 14.38 34.45 5.88
O7 NAG G . 20.11 30.65 5.17
C1 NAG G . 16.81 36.48 7.68
C2 NAG G . 16.01 37.45 8.55
C3 NAG G . 16.01 38.79 7.87
C4 NAG G . 17.44 39.28 7.66
C5 NAG G . 18.30 38.21 6.97
C6 NAG G . 19.77 38.60 7.02
C7 NAG G . 14.33 36.39 9.99
C8 NAG G . 12.93 35.91 10.13
N2 NAG G . 14.67 36.94 8.82
O3 NAG G . 15.30 39.74 8.64
O4 NAG G . 17.43 40.45 6.88
O5 NAG G . 18.14 36.94 7.59
O6 NAG G . 20.51 37.74 6.18
O7 NAG G . 15.12 36.27 10.93
ZN ZN H . -6.03 -3.18 -2.12
C1 NAG I . -22.68 -12.33 -18.13
C2 NAG I . -24.19 -12.19 -17.88
C3 NAG I . -25.03 -12.13 -19.17
C4 NAG I . -24.32 -11.43 -20.35
C5 NAG I . -22.87 -11.87 -20.45
C6 NAG I . -22.13 -11.22 -21.62
C7 NAG I . -24.79 -13.29 -15.74
C8 NAG I . -25.32 -14.54 -15.10
N2 NAG I . -24.68 -13.30 -17.07
O3 NAG I . -26.24 -11.47 -18.91
O4 NAG I . -25.02 -11.70 -21.55
O5 NAG I . -22.23 -11.57 -19.23
O6 NAG I . -21.89 -9.85 -21.37
O7 NAG I . -24.49 -12.33 -15.03
C1 NAG J . 28.05 -31.74 -6.42
C2 NAG J . 29.44 -32.14 -5.97
C3 NAG J . 29.89 -33.40 -6.71
C4 NAG J . 28.81 -34.49 -6.67
C5 NAG J . 27.37 -33.95 -6.84
C6 NAG J . 26.32 -35.01 -6.49
C7 NAG J . 30.86 -30.32 -7.05
C8 NAG J . 31.87 -29.26 -6.73
N2 NAG J . 30.42 -31.04 -6.00
O3 NAG J . 31.07 -33.90 -6.12
O4 NAG J . 29.07 -35.45 -7.67
O5 NAG J . 27.15 -32.78 -6.07
O6 NAG J . 26.17 -35.11 -5.08
O7 NAG J . 30.49 -30.49 -8.20
N ARG K . -7.17 -1.37 0.71
CA ARG K . -6.85 0.00 0.23
C ARG K . -5.70 0.01 -0.79
O ARG K . -5.84 0.40 -1.95
CB ARG K . -6.55 0.94 1.40
CG ARG K . -7.42 0.80 2.64
CD ARG K . -6.71 1.43 3.83
NE ARG K . -7.57 1.82 4.95
CZ ARG K . -7.26 2.71 5.92
NH1 ARG K . -6.09 3.33 5.94
NH2 ARG K . -8.13 2.98 6.90
OXT ARG K . -4.57 -0.39 -0.45
#